data_2IXS
#
_entry.id   2IXS
#
_cell.length_a   66.901
_cell.length_b   237.991
_cell.length_c   111.404
_cell.angle_alpha   90.00
_cell.angle_beta   90.00
_cell.angle_gamma   90.00
#
_symmetry.space_group_name_H-M   'C 2 2 21'
#
loop_
_entity.id
_entity.type
_entity.pdbx_description
1 polymer 'SDAI RESTRICTION ENDONUCLEASE'
2 non-polymer 'SULFATE ION'
3 non-polymer '4-(2-HYDROXYETHYL)-1-PIPERAZINE ETHANESULFONIC ACID'
4 non-polymer 2-AMINO-2-HYDROXYMETHYL-PROPANE-1,3-DIOL
5 water water
#
_entity_poly.entity_id   1
_entity_poly.type   'polypeptide(L)'
_entity_poly.pdbx_seq_one_letter_code
;MTNSNDIDETAATIDTARALLKSFGFEAQRHNVRSAVTLLALAGLKPGDHWADSTTPRLGVQKIMDWSGAYWAKPYATGS
REDFRKKTLRQWVDNGFAVLNPDNLNIATNSQLNEYCLSDEAAQAIRSYGTDAFESALVDFLSKASDTVRARAEALRAAM
ISVDLADGDEFLLSPAGQNPLLKKMVEEFMPRFAPGAKVLYIGDTRGKHTRFEKRIFEETLGLTFDPHGRMPDLVLHDKV
RKWLFLMEAVKSKGPFDEERHRTLRELFATPVAGLVFVNCFENREAMRQWLPELAWETEAWVADDPDHLIHLNGSRFLGP
YER
;
_entity_poly.pdbx_strand_id   A,B
#
# COMPACT_ATOMS: atom_id res chain seq x y z
N ASN A 5 18.87 9.66 6.87
CA ASN A 5 19.08 9.31 5.43
C ASN A 5 18.79 10.51 4.52
N ASP A 6 19.37 10.49 3.33
CA ASP A 6 19.44 11.66 2.47
C ASP A 6 18.07 12.21 2.06
N ILE A 7 17.86 13.51 2.26
CA ILE A 7 16.64 14.15 1.82
C ILE A 7 16.74 14.42 0.33
N ASP A 8 17.97 14.45 -0.18
CA ASP A 8 18.21 14.84 -1.57
C ASP A 8 18.69 13.66 -2.40
N GLU A 9 17.82 13.08 -3.21
CA GLU A 9 18.24 11.92 -3.98
C GLU A 9 18.97 12.30 -5.26
N THR A 10 19.09 13.60 -5.56
CA THR A 10 19.98 14.01 -6.64
C THR A 10 21.44 13.92 -6.21
N ALA A 11 21.69 13.82 -4.90
CA ALA A 11 23.05 13.58 -4.43
C ALA A 11 23.54 12.16 -4.77
N ALA A 12 24.70 12.07 -5.41
CA ALA A 12 25.30 10.78 -5.79
C ALA A 12 25.98 10.11 -4.62
N THR A 13 25.48 8.95 -4.25
CA THR A 13 26.10 8.16 -3.21
C THR A 13 26.01 6.74 -3.68
N ILE A 14 26.70 5.84 -3.00
CA ILE A 14 26.59 4.46 -3.34
C ILE A 14 25.13 4.03 -3.17
N ASP A 15 24.49 4.45 -2.09
CA ASP A 15 23.11 4.03 -1.83
C ASP A 15 22.13 4.50 -2.88
N THR A 16 22.21 5.77 -3.29
CA THR A 16 21.35 6.24 -4.35
C THR A 16 21.68 5.63 -5.71
N ALA A 17 22.95 5.33 -5.95
CA ALA A 17 23.35 4.65 -7.19
C ALA A 17 22.71 3.28 -7.28
N ARG A 18 22.69 2.56 -6.17
CA ARG A 18 22.01 1.27 -6.11
C ARG A 18 20.49 1.41 -6.29
N ALA A 19 19.91 2.48 -5.76
CA ALA A 19 18.48 2.72 -5.89
C ALA A 19 18.14 3.09 -7.34
N LEU A 20 19.00 3.93 -7.93
CA LEU A 20 18.87 4.35 -9.31
C LEU A 20 18.87 3.14 -10.22
N LEU A 21 19.81 2.23 -9.97
CA LEU A 21 19.98 1.07 -10.82
C LEU A 21 18.80 0.11 -10.69
N LYS A 22 18.26 -0.01 -9.48
CA LYS A 22 17.05 -0.82 -9.26
C LYS A 22 15.87 -0.20 -10.00
N SER A 23 15.80 1.12 -10.00
CA SER A 23 14.73 1.86 -10.66
C SER A 23 14.71 1.66 -12.18
N PHE A 24 15.89 1.44 -12.76
CA PHE A 24 16.04 1.24 -14.20
C PHE A 24 15.58 -0.15 -14.59
N GLY A 25 15.40 -0.99 -13.60
CA GLY A 25 14.87 -2.31 -13.81
C GLY A 25 15.87 -3.43 -13.77
N PHE A 26 17.07 -3.18 -13.23
CA PHE A 26 18.06 -4.23 -13.14
C PHE A 26 17.78 -5.14 -11.95
N GLU A 27 18.24 -6.38 -12.09
CA GLU A 27 18.19 -7.37 -11.03
C GLU A 27 19.21 -7.04 -9.96
N ALA A 28 19.06 -7.68 -8.79
CA ALA A 28 19.88 -7.39 -7.63
C ALA A 28 21.40 -7.37 -7.88
N GLN A 29 21.87 -8.26 -8.74
CA GLN A 29 23.30 -8.33 -9.03
C GLN A 29 23.80 -7.15 -9.86
N ARG A 30 22.90 -6.46 -10.56
CA ARG A 30 23.29 -5.27 -11.30
C ARG A 30 22.91 -3.99 -10.54
N HIS A 31 22.52 -4.13 -9.27
CA HIS A 31 22.34 -2.95 -8.42
C HIS A 31 22.89 -3.13 -7.00
N ASN A 32 23.94 -3.95 -6.92
CA ASN A 32 24.73 -4.12 -5.71
C ASN A 32 25.83 -3.06 -5.66
N VAL A 33 26.72 -3.19 -4.69
CA VAL A 33 27.78 -2.23 -4.47
C VAL A 33 28.75 -2.18 -5.65
N ARG A 34 29.17 -3.35 -6.15
CA ARG A 34 30.09 -3.39 -7.29
C ARG A 34 29.52 -2.59 -8.46
N SER A 35 28.23 -2.81 -8.73
CA SER A 35 27.58 -2.18 -9.87
C SER A 35 27.40 -0.72 -9.60
N ALA A 36 27.15 -0.39 -8.34
CA ALA A 36 27.02 1.01 -7.91
C ALA A 36 28.29 1.82 -8.17
N VAL A 37 29.44 1.31 -7.74
CA VAL A 37 30.69 2.03 -7.96
C VAL A 37 31.02 2.07 -9.44
N THR A 38 30.62 1.05 -10.19
CA THR A 38 30.82 1.08 -11.63
C THR A 38 30.07 2.25 -12.27
N LEU A 39 28.82 2.45 -11.87
CA LEU A 39 28.03 3.57 -12.37
C LEU A 39 28.66 4.89 -11.98
N LEU A 40 29.11 5.00 -10.72
CA LEU A 40 29.65 6.26 -10.24
C LEU A 40 30.92 6.58 -11.03
N ALA A 41 31.68 5.54 -11.37
CA ALA A 41 32.91 5.72 -12.14
C ALA A 41 32.58 6.12 -13.58
N LEU A 42 31.63 5.43 -14.19
CA LEU A 42 31.30 5.71 -15.58
C LEU A 42 30.62 7.04 -15.72
N ALA A 43 30.08 7.56 -14.63
CA ALA A 43 29.41 8.85 -14.65
C ALA A 43 30.37 9.98 -14.24
N GLY A 44 31.57 9.61 -13.81
CA GLY A 44 32.59 10.60 -13.45
C GLY A 44 32.29 11.30 -12.15
N LEU A 45 31.64 10.61 -11.23
CA LEU A 45 31.13 11.27 -10.03
C LEU A 45 32.00 11.01 -8.80
N LYS A 46 32.06 12.03 -7.95
CA LYS A 46 32.77 12.00 -6.66
C LYS A 46 31.85 12.42 -5.52
N PRO A 47 32.17 12.00 -4.30
CA PRO A 47 31.35 12.40 -3.14
C PRO A 47 31.13 13.91 -3.15
N GLY A 48 29.88 14.32 -2.98
CA GLY A 48 29.54 15.73 -3.04
C GLY A 48 28.91 16.13 -4.35
N ASP A 49 29.12 15.30 -5.39
CA ASP A 49 28.52 15.58 -6.70
C ASP A 49 27.03 15.17 -6.72
N HIS A 50 26.30 15.69 -7.71
CA HIS A 50 24.91 15.34 -7.90
C HIS A 50 24.77 14.67 -9.28
N TRP A 51 23.68 13.95 -9.49
CA TRP A 51 23.50 13.20 -10.75
C TRP A 51 23.52 14.09 -11.98
N ALA A 52 23.05 15.32 -11.84
CA ALA A 52 23.06 16.26 -12.96
C ALA A 52 24.50 16.58 -13.39
N ASP A 53 25.46 16.29 -12.51
CA ASP A 53 26.87 16.56 -12.78
C ASP A 53 27.50 15.42 -13.60
N SER A 54 26.73 14.38 -13.87
CA SER A 54 27.27 13.20 -14.53
C SER A 54 27.82 13.57 -15.90
N THR A 55 28.93 12.93 -16.25
CA THR A 55 29.51 13.02 -17.59
C THR A 55 29.56 11.61 -18.17
N THR A 56 30.08 11.49 -19.39
CA THR A 56 30.15 10.18 -20.06
C THR A 56 31.57 9.93 -20.56
N PRO A 57 32.51 9.78 -19.65
CA PRO A 57 33.89 9.43 -20.00
C PRO A 57 34.02 7.98 -20.43
N ARG A 58 35.12 7.66 -21.10
CA ARG A 58 35.44 6.28 -21.46
C ARG A 58 36.43 5.68 -20.45
N LEU A 59 36.11 4.51 -19.91
CA LEU A 59 36.96 3.88 -18.90
C LEU A 59 37.10 2.40 -19.12
N GLY A 60 38.31 1.87 -18.91
CA GLY A 60 38.49 0.43 -18.86
C GLY A 60 38.21 -0.05 -17.43
N VAL A 61 38.21 -1.36 -17.24
CA VAL A 61 37.87 -1.93 -15.95
C VAL A 61 38.83 -1.54 -14.84
N GLN A 62 40.12 -1.45 -15.15
CA GLN A 62 41.10 -1.04 -14.16
C GLN A 62 40.82 0.35 -13.65
N LYS A 63 40.60 1.30 -14.57
CA LYS A 63 40.29 2.66 -14.17
C LYS A 63 38.98 2.75 -13.37
N ILE A 64 37.96 1.96 -13.73
CA ILE A 64 36.75 1.91 -12.93
C ILE A 64 37.11 1.51 -11.51
N MET A 65 37.96 0.49 -11.38
CA MET A 65 38.41 0.04 -10.06
C MET A 65 39.22 1.11 -9.33
N ASP A 66 40.09 1.84 -10.05
CA ASP A 66 40.91 2.87 -9.45
C ASP A 66 39.98 4.00 -8.96
N TRP A 67 39.00 4.35 -9.78
CA TRP A 67 38.05 5.40 -9.42
C TRP A 67 37.29 5.04 -8.15
N SER A 68 36.87 3.80 -8.04
CA SER A 68 36.19 3.28 -6.85
C SER A 68 37.06 3.41 -5.61
N GLY A 69 38.33 3.03 -5.73
CA GLY A 69 39.25 3.12 -4.61
C GLY A 69 39.57 4.53 -4.21
N ALA A 70 39.70 5.42 -5.18
CA ALA A 70 40.06 6.79 -4.89
C ALA A 70 38.94 7.58 -4.19
N TYR A 71 37.71 7.40 -4.65
CA TYR A 71 36.61 8.30 -4.32
C TYR A 71 35.49 7.70 -3.54
N TRP A 72 35.35 6.38 -3.60
CA TRP A 72 34.21 5.73 -2.97
C TRP A 72 34.61 4.72 -1.91
N ALA A 73 35.87 4.83 -1.46
CA ALA A 73 36.45 3.95 -0.43
C ALA A 73 36.07 2.51 -0.62
N LYS A 74 36.21 2.04 -1.85
CA LYS A 74 35.93 0.65 -2.18
C LYS A 74 37.02 0.19 -3.13
N PRO A 75 38.19 -0.14 -2.59
CA PRO A 75 39.31 -0.61 -3.42
C PRO A 75 39.07 -2.02 -3.89
N TYR A 76 39.54 -2.33 -5.09
CA TYR A 76 39.47 -3.69 -5.59
C TYR A 76 40.83 -4.19 -6.04
N ALA A 77 41.07 -5.48 -5.83
CA ALA A 77 42.27 -6.16 -6.31
C ALA A 77 42.17 -6.44 -7.81
N THR A 78 43.32 -6.69 -8.43
CA THR A 78 43.34 -6.94 -9.87
C THR A 78 42.47 -8.14 -10.23
N GLY A 79 42.30 -9.06 -9.30
CA GLY A 79 41.53 -10.27 -9.52
C GLY A 79 40.03 -10.11 -9.58
N SER A 80 39.53 -8.92 -9.27
CA SER A 80 38.10 -8.62 -9.39
C SER A 80 37.74 -8.09 -10.80
N ARG A 81 38.74 -7.95 -11.66
CA ARG A 81 38.51 -7.37 -12.99
C ARG A 81 37.44 -8.15 -13.75
N GLU A 82 37.54 -9.47 -13.68
CA GLU A 82 36.61 -10.34 -14.38
C GLU A 82 35.19 -10.16 -13.86
N ASP A 83 35.03 -10.02 -12.55
CA ASP A 83 33.70 -9.77 -11.98
C ASP A 83 33.07 -8.50 -12.54
N PHE A 84 33.85 -7.42 -12.60
CA PHE A 84 33.31 -6.19 -13.17
C PHE A 84 32.85 -6.43 -14.58
N ARG A 85 33.69 -7.11 -15.35
CA ARG A 85 33.39 -7.30 -16.77
C ARG A 85 32.21 -8.24 -16.98
N LYS A 86 32.18 -9.33 -16.25
CA LYS A 86 31.22 -10.40 -16.51
C LYS A 86 29.95 -10.32 -15.67
N LYS A 87 30.01 -9.68 -14.51
CA LYS A 87 28.86 -9.64 -13.61
C LYS A 87 28.22 -8.26 -13.45
N THR A 88 28.74 -7.26 -14.17
CA THR A 88 28.11 -5.95 -14.19
C THR A 88 28.01 -5.44 -15.62
N LEU A 89 29.17 -5.19 -16.22
CA LEU A 89 29.25 -4.49 -17.49
C LEU A 89 28.61 -5.28 -18.64
N ARG A 90 28.74 -6.60 -18.61
CA ARG A 90 28.14 -7.46 -19.62
C ARG A 90 26.62 -7.24 -19.74
N GLN A 91 25.95 -7.34 -18.61
CA GLN A 91 24.49 -7.17 -18.58
C GLN A 91 24.09 -5.73 -18.93
N TRP A 92 24.86 -4.75 -18.46
CA TRP A 92 24.60 -3.36 -18.83
C TRP A 92 24.69 -3.15 -20.34
N VAL A 93 25.72 -3.71 -20.96
CA VAL A 93 25.94 -3.57 -22.40
C VAL A 93 24.77 -4.21 -23.17
N ASP A 94 24.42 -5.42 -22.76
CA ASP A 94 23.30 -6.10 -23.34
C ASP A 94 22.01 -5.28 -23.30
N ASN A 95 21.84 -4.44 -22.28
CA ASN A 95 20.60 -3.67 -22.11
C ASN A 95 20.74 -2.26 -22.63
N GLY A 96 21.89 -1.96 -23.21
CA GLY A 96 22.10 -0.66 -23.83
C GLY A 96 22.29 0.45 -22.81
N PHE A 97 22.60 0.04 -21.58
CA PHE A 97 22.84 1.00 -20.49
C PHE A 97 24.28 1.50 -20.66
N ALA A 98 25.19 0.59 -20.95
CA ALA A 98 26.58 0.96 -21.24
C ALA A 98 26.93 0.56 -22.67
N VAL A 99 27.89 1.26 -23.25
CA VAL A 99 28.43 0.94 -24.56
C VAL A 99 29.80 0.29 -24.41
N LEU A 100 29.98 -0.86 -25.04
CA LEU A 100 31.28 -1.53 -25.11
C LEU A 100 32.12 -0.87 -26.21
N ASN A 101 33.35 -0.52 -25.89
CA ASN A 101 34.30 -0.09 -26.92
C ASN A 101 33.75 1.04 -27.81
N PRO A 102 33.39 2.18 -27.18
CA PRO A 102 32.95 3.37 -27.91
C PRO A 102 34.00 3.95 -28.89
N ASP A 103 35.29 3.76 -28.64
CA ASP A 103 36.26 4.17 -29.65
C ASP A 103 36.10 3.28 -30.90
N ASN A 104 35.47 2.13 -30.73
CA ASN A 104 35.31 1.16 -31.80
C ASN A 104 36.66 0.65 -32.30
N LEU A 105 37.57 0.37 -31.39
CA LEU A 105 38.84 -0.22 -31.78
C LEU A 105 38.63 -1.67 -32.17
N ASN A 106 39.61 -2.24 -32.86
CA ASN A 106 39.51 -3.61 -33.33
C ASN A 106 40.02 -4.60 -32.28
N ILE A 107 39.31 -4.69 -31.16
CA ILE A 107 39.68 -5.59 -30.09
C ILE A 107 38.53 -6.55 -29.74
N ALA A 108 38.88 -7.72 -29.21
CA ALA A 108 37.89 -8.71 -28.83
C ALA A 108 36.93 -8.17 -27.77
N THR A 109 35.65 -8.51 -27.92
CA THR A 109 34.62 -8.06 -26.99
C THR A 109 34.83 -8.56 -25.56
N ASN A 110 35.68 -9.56 -25.37
CA ASN A 110 35.91 -10.11 -24.04
C ASN A 110 37.24 -9.65 -23.43
N SER A 111 37.89 -8.71 -24.12
CA SER A 111 39.22 -8.25 -23.73
C SER A 111 39.15 -7.20 -22.62
N GLN A 112 40.09 -7.29 -21.69
CA GLN A 112 40.21 -6.32 -20.61
C GLN A 112 40.72 -4.96 -21.12
N LEU A 113 41.05 -4.90 -22.41
CA LEU A 113 41.49 -3.63 -23.03
C LEU A 113 40.30 -2.77 -23.46
N ASN A 114 39.12 -3.36 -23.44
CA ASN A 114 37.95 -2.61 -23.83
C ASN A 114 37.73 -1.45 -22.86
N GLU A 115 37.27 -0.34 -23.39
CA GLU A 115 36.76 0.72 -22.55
C GLU A 115 35.24 0.69 -22.59
N TYR A 116 34.61 1.39 -21.66
CA TYR A 116 33.15 1.49 -21.61
C TYR A 116 32.72 2.92 -21.39
N CYS A 117 31.50 3.22 -21.80
CA CYS A 117 30.87 4.45 -21.40
C CYS A 117 29.37 4.25 -21.27
N LEU A 118 28.70 5.22 -20.69
CA LEU A 118 27.24 5.19 -20.58
C LEU A 118 26.64 5.60 -21.94
N SER A 119 25.56 4.93 -22.33
CA SER A 119 24.81 5.32 -23.52
C SER A 119 24.15 6.69 -23.36
N ASP A 120 23.77 7.30 -24.49
CA ASP A 120 23.14 8.61 -24.47
C ASP A 120 21.81 8.50 -23.73
N GLU A 121 21.13 7.38 -23.94
CA GLU A 121 19.82 7.18 -23.33
C GLU A 121 19.92 6.98 -21.81
N ALA A 122 20.85 6.14 -21.38
CA ALA A 122 21.10 5.95 -19.96
C ALA A 122 21.54 7.27 -19.34
N ALA A 123 22.47 7.95 -20.01
CA ALA A 123 23.00 9.21 -19.50
C ALA A 123 21.92 10.26 -19.30
N GLN A 124 21.00 10.39 -20.25
CA GLN A 124 19.99 11.45 -20.11
C GLN A 124 19.07 11.14 -18.92
N ALA A 125 18.78 9.85 -18.74
CA ALA A 125 18.00 9.39 -17.59
C ALA A 125 18.75 9.60 -16.28
N ILE A 126 20.01 9.16 -16.25
CA ILE A 126 20.82 9.29 -15.05
C ILE A 126 20.84 10.73 -14.60
N ARG A 127 21.10 11.65 -15.52
CA ARG A 127 21.26 13.06 -15.16
C ARG A 127 19.98 13.64 -14.55
N SER A 128 18.85 13.03 -14.90
N SER A 128 18.84 13.05 -14.89
CA SER A 128 17.55 13.53 -14.47
CA SER A 128 17.54 13.55 -14.44
C SER A 128 17.03 12.86 -13.18
C SER A 128 17.03 12.86 -13.18
N TYR A 129 17.80 11.91 -12.64
CA TYR A 129 17.38 11.20 -11.46
C TYR A 129 17.09 12.16 -10.33
N GLY A 130 15.98 11.95 -9.63
CA GLY A 130 15.61 12.76 -8.48
C GLY A 130 14.91 14.04 -8.87
N THR A 131 14.53 14.14 -10.15
CA THR A 131 13.82 15.30 -10.66
C THR A 131 12.57 14.92 -11.43
N ASP A 132 11.81 15.94 -11.80
CA ASP A 132 10.56 15.75 -12.53
C ASP A 132 10.75 15.28 -13.97
N ALA A 133 11.98 15.25 -14.44
CA ALA A 133 12.24 14.77 -15.79
C ALA A 133 12.63 13.29 -15.86
N PHE A 134 12.86 12.66 -14.72
CA PHE A 134 13.38 11.30 -14.73
C PHE A 134 12.49 10.29 -15.42
N GLU A 135 11.21 10.24 -15.07
CA GLU A 135 10.36 9.19 -15.59
C GLU A 135 10.26 9.25 -17.11
N SER A 136 10.13 10.45 -17.65
CA SER A 136 10.09 10.62 -19.10
C SER A 136 11.41 10.23 -19.78
N ALA A 137 12.54 10.56 -19.16
CA ALA A 137 13.83 10.18 -19.71
C ALA A 137 14.01 8.68 -19.67
N LEU A 138 13.49 8.03 -18.64
CA LEU A 138 13.68 6.60 -18.50
C LEU A 138 12.98 5.78 -19.57
N VAL A 139 11.83 6.28 -20.04
CA VAL A 139 11.06 5.60 -21.08
C VAL A 139 11.96 5.33 -22.29
N ASP A 140 12.69 6.36 -22.69
CA ASP A 140 13.58 6.28 -23.84
C ASP A 140 14.64 5.18 -23.65
N PHE A 141 15.19 5.06 -22.45
CA PHE A 141 16.15 3.99 -22.23
C PHE A 141 15.49 2.63 -22.26
N LEU A 142 14.32 2.53 -21.62
CA LEU A 142 13.67 1.25 -21.43
C LEU A 142 13.22 0.69 -22.78
N SER A 143 12.84 1.59 -23.70
CA SER A 143 12.38 1.16 -25.01
C SER A 143 13.48 0.40 -25.76
N LYS A 144 14.74 0.62 -25.38
CA LYS A 144 15.85 -0.10 -25.98
C LYS A 144 16.44 -1.23 -25.13
N ALA A 145 15.93 -1.45 -23.91
CA ALA A 145 16.50 -2.47 -23.03
C ALA A 145 15.93 -3.87 -23.29
N SER A 146 16.45 -4.86 -22.59
CA SER A 146 15.95 -6.21 -22.71
C SER A 146 14.49 -6.26 -22.24
N ASP A 147 13.73 -7.20 -22.76
CA ASP A 147 12.32 -7.34 -22.40
C ASP A 147 12.19 -7.57 -20.91
N THR A 148 13.12 -8.32 -20.33
CA THR A 148 13.01 -8.68 -18.93
C THR A 148 13.28 -7.49 -18.02
N VAL A 149 14.18 -6.61 -18.46
CA VAL A 149 14.52 -5.46 -17.65
C VAL A 149 13.35 -4.51 -17.73
N ARG A 150 12.80 -4.39 -18.92
CA ARG A 150 11.66 -3.52 -19.15
C ARG A 150 10.46 -3.99 -18.30
N ALA A 151 10.23 -5.29 -18.29
CA ALA A 151 9.13 -5.88 -17.51
C ALA A 151 9.33 -5.63 -16.02
N ARG A 152 10.57 -5.78 -15.55
CA ARG A 152 10.88 -5.56 -14.15
C ARG A 152 10.66 -4.11 -13.73
N ALA A 153 11.09 -3.18 -14.57
CA ALA A 153 10.94 -1.75 -14.29
C ALA A 153 9.48 -1.39 -14.28
N GLU A 154 8.71 -2.03 -15.15
CA GLU A 154 7.30 -1.74 -15.30
C GLU A 154 6.52 -2.25 -14.09
N ALA A 155 6.86 -3.45 -13.67
CA ALA A 155 6.17 -4.08 -12.55
C ALA A 155 6.42 -3.36 -11.21
N LEU A 156 7.64 -2.87 -11.02
N LEU A 156 7.63 -2.85 -11.00
CA LEU A 156 7.99 -2.10 -9.82
CA LEU A 156 7.90 -2.17 -9.75
C LEU A 156 7.09 -0.88 -9.70
C LEU A 156 7.11 -0.86 -9.68
N ARG A 157 6.91 -0.20 -10.81
CA ARG A 157 6.08 1.00 -10.86
C ARG A 157 4.58 0.72 -10.77
N ALA A 158 4.13 -0.39 -11.34
CA ALA A 158 2.71 -0.72 -11.34
C ALA A 158 2.26 -1.02 -9.90
N ALA A 159 3.20 -1.46 -9.08
CA ALA A 159 2.90 -1.82 -7.70
C ALA A 159 3.03 -0.63 -6.76
N MET A 160 3.22 0.55 -7.31
CA MET A 160 3.31 1.76 -6.52
C MET A 160 2.10 2.65 -6.77
N ILE A 161 1.80 3.52 -5.81
CA ILE A 161 0.83 4.57 -6.06
C ILE A 161 1.50 5.75 -6.72
N SER A 162 0.73 6.42 -7.56
CA SER A 162 1.18 7.54 -8.37
C SER A 162 0.56 8.82 -7.81
N VAL A 163 1.40 9.84 -7.64
CA VAL A 163 0.98 11.13 -7.12
C VAL A 163 1.36 12.21 -8.14
N ASP A 164 0.36 12.96 -8.60
CA ASP A 164 0.55 14.01 -9.59
C ASP A 164 1.02 15.29 -8.90
N LEU A 165 2.32 15.59 -8.97
CA LEU A 165 2.84 16.77 -8.30
C LEU A 165 2.61 18.04 -9.11
N ALA A 166 2.46 17.84 -10.41
CA ALA A 166 2.32 18.91 -11.39
C ALA A 166 2.07 18.22 -12.74
N ASP A 167 1.57 19.01 -13.69
CA ASP A 167 1.33 18.54 -15.05
C ASP A 167 2.50 17.72 -15.55
N GLY A 168 2.22 16.45 -15.84
CA GLY A 168 3.21 15.55 -16.40
C GLY A 168 4.27 15.08 -15.42
N ASP A 169 4.04 15.27 -14.12
CA ASP A 169 5.06 14.95 -13.14
C ASP A 169 4.52 13.99 -12.09
N GLU A 170 4.60 12.69 -12.35
CA GLU A 170 4.10 11.75 -11.37
C GLU A 170 5.22 11.27 -10.46
N PHE A 171 4.93 11.22 -9.18
CA PHE A 171 5.85 10.78 -8.16
C PHE A 171 5.31 9.45 -7.61
N LEU A 172 6.14 8.42 -7.61
CA LEU A 172 5.68 7.09 -7.18
C LEU A 172 5.99 6.80 -5.73
N LEU A 173 5.00 6.27 -5.02
CA LEU A 173 5.17 5.92 -3.61
C LEU A 173 4.74 4.46 -3.40
N SER A 174 5.33 3.80 -2.44
CA SER A 174 4.85 2.50 -2.05
C SER A 174 3.48 2.69 -1.44
N PRO A 175 2.63 1.68 -1.54
CA PRO A 175 1.26 1.78 -1.02
C PRO A 175 1.18 1.76 0.52
N ALA A 176 2.29 1.57 1.19
CA ALA A 176 2.28 1.35 2.62
C ALA A 176 2.25 2.64 3.47
N GLY A 177 2.09 2.47 4.78
CA GLY A 177 2.24 3.58 5.71
C GLY A 177 1.22 4.68 5.46
N GLN A 178 1.63 5.93 5.57
CA GLN A 178 0.69 7.02 5.34
C GLN A 178 0.84 7.59 3.93
N ASN A 179 1.43 6.80 3.04
CA ASN A 179 1.55 7.24 1.65
C ASN A 179 0.23 7.53 0.94
N PRO A 180 -0.84 6.75 1.15
CA PRO A 180 -2.16 7.11 0.61
C PRO A 180 -2.65 8.50 1.10
N LEU A 181 -2.48 8.79 2.38
CA LEU A 181 -2.76 10.14 2.89
C LEU A 181 -1.91 11.23 2.17
N LEU A 182 -0.61 10.99 2.04
CA LEU A 182 0.26 11.92 1.34
C LEU A 182 -0.23 12.19 -0.06
N LYS A 183 -0.69 11.15 -0.76
CA LYS A 183 -1.21 11.34 -2.10
C LYS A 183 -2.40 12.30 -2.06
N LYS A 184 -3.26 12.13 -1.06
CA LYS A 184 -4.41 13.02 -0.88
C LYS A 184 -4.05 14.44 -0.48
N MET A 185 -2.98 14.60 0.28
CA MET A 185 -2.51 15.93 0.61
C MET A 185 -2.16 16.67 -0.67
N VAL A 186 -1.51 15.98 -1.58
CA VAL A 186 -1.07 16.61 -2.81
C VAL A 186 -2.25 16.84 -3.76
N GLU A 187 -3.11 15.84 -3.86
CA GLU A 187 -4.11 15.82 -4.91
C GLU A 187 -5.45 16.40 -4.47
N GLU A 188 -5.69 16.48 -3.17
CA GLU A 188 -6.97 17.01 -2.69
C GLU A 188 -6.81 18.30 -1.87
N PHE A 189 -5.81 18.35 -1.00
CA PHE A 189 -5.60 19.57 -0.20
C PHE A 189 -5.09 20.69 -1.07
N MET A 190 -4.04 20.42 -1.87
CA MET A 190 -3.38 21.47 -2.62
C MET A 190 -4.30 22.18 -3.61
N PRO A 191 -5.05 21.46 -4.43
CA PRO A 191 -5.96 22.14 -5.36
C PRO A 191 -7.00 23.02 -4.67
N ARG A 192 -7.42 22.65 -3.46
CA ARG A 192 -8.41 23.41 -2.73
C ARG A 192 -7.83 24.65 -2.07
N PHE A 193 -6.67 24.51 -1.44
CA PHE A 193 -6.16 25.55 -0.56
C PHE A 193 -4.87 26.20 -1.03
N ALA A 194 -4.16 25.57 -1.96
CA ALA A 194 -2.90 26.15 -2.45
C ALA A 194 -2.70 25.86 -3.93
N PRO A 195 -3.72 26.06 -4.74
CA PRO A 195 -3.65 25.61 -6.13
C PRO A 195 -2.53 26.34 -6.87
N GLY A 196 -1.82 25.61 -7.72
CA GLY A 196 -0.68 26.19 -8.44
C GLY A 196 0.62 26.09 -7.65
N ALA A 197 0.56 25.64 -6.40
CA ALA A 197 1.78 25.61 -5.57
C ALA A 197 2.77 24.59 -6.13
N LYS A 198 4.05 24.85 -5.99
CA LYS A 198 5.04 23.87 -6.36
C LYS A 198 5.44 22.97 -5.20
N VAL A 199 5.52 21.69 -5.46
CA VAL A 199 6.02 20.75 -4.47
C VAL A 199 7.53 20.85 -4.43
N LEU A 200 8.08 21.38 -3.34
CA LEU A 200 9.51 21.57 -3.22
C LEU A 200 10.16 20.41 -2.48
N TYR A 201 9.37 19.71 -1.68
CA TYR A 201 9.82 18.48 -1.03
C TYR A 201 8.65 17.52 -0.82
N ILE A 202 8.88 16.25 -1.14
CA ILE A 202 7.97 15.17 -0.75
C ILE A 202 8.83 13.93 -0.53
N GLY A 203 8.54 13.19 0.52
CA GLY A 203 9.36 12.03 0.84
C GLY A 203 8.47 10.85 1.14
N ASP A 204 8.84 9.71 0.59
CA ASP A 204 8.14 8.48 0.92
C ASP A 204 8.07 8.31 2.44
N THR A 205 6.88 8.05 3.00
CA THR A 205 6.78 7.89 4.45
C THR A 205 7.27 6.54 4.93
N ARG A 206 7.62 5.66 4.01
CA ARG A 206 8.12 4.35 4.37
C ARG A 206 9.46 4.02 3.71
N GLY A 207 9.90 4.86 2.78
CA GLY A 207 11.08 4.58 1.99
C GLY A 207 12.02 5.76 1.90
N LYS A 208 13.06 5.63 1.07
CA LYS A 208 14.08 6.66 0.99
C LYS A 208 13.83 7.63 -0.18
N HIS A 209 12.86 7.31 -1.03
CA HIS A 209 12.62 8.05 -2.25
C HIS A 209 12.09 9.45 -1.91
N THR A 210 12.71 10.49 -2.46
CA THR A 210 12.26 11.87 -2.21
C THR A 210 12.31 12.70 -3.48
N ARG A 211 11.61 13.83 -3.45
CA ARG A 211 11.83 14.91 -4.39
C ARG A 211 12.26 16.09 -3.55
N PHE A 212 13.34 16.76 -3.94
CA PHE A 212 13.93 17.86 -3.17
C PHE A 212 14.40 18.94 -4.16
N GLU A 213 13.71 20.09 -4.18
CA GLU A 213 14.04 21.16 -5.10
C GLU A 213 15.15 22.05 -4.52
N LYS A 214 16.34 21.48 -4.51
CA LYS A 214 17.50 22.07 -3.87
C LYS A 214 17.75 23.52 -4.30
N ARG A 215 17.82 23.72 -5.61
CA ARG A 215 18.14 25.03 -6.14
C ARG A 215 17.11 26.07 -5.75
N ILE A 216 15.83 25.74 -5.87
CA ILE A 216 14.81 26.68 -5.47
C ILE A 216 14.92 26.99 -3.99
N PHE A 217 15.14 25.97 -3.17
CA PHE A 217 15.24 26.19 -1.73
C PHE A 217 16.41 27.15 -1.47
N GLU A 218 17.55 26.85 -2.07
CA GLU A 218 18.78 27.60 -1.80
C GLU A 218 18.80 28.99 -2.47
N GLU A 219 18.59 29.06 -3.77
CA GLU A 219 18.75 30.32 -4.48
C GLU A 219 17.54 31.24 -4.32
N THR A 220 16.35 30.68 -4.43
CA THR A 220 15.14 31.47 -4.29
C THR A 220 14.86 31.81 -2.82
N LEU A 221 14.88 30.81 -1.94
CA LEU A 221 14.35 30.97 -0.59
C LEU A 221 15.45 31.21 0.43
N GLY A 222 16.70 30.92 0.06
CA GLY A 222 17.81 31.11 0.96
C GLY A 222 17.91 30.07 2.06
N LEU A 223 17.39 28.88 1.80
CA LEU A 223 17.33 27.82 2.81
C LEU A 223 18.25 26.63 2.52
N THR A 224 19.03 26.21 3.52
CA THR A 224 19.81 24.98 3.41
C THR A 224 19.54 24.04 4.57
N PHE A 225 19.82 22.76 4.39
CA PHE A 225 19.38 21.74 5.30
C PHE A 225 20.48 20.76 5.70
N ASP A 226 20.28 20.11 6.83
CA ASP A 226 21.04 18.94 7.20
C ASP A 226 20.70 17.85 6.17
N PRO A 227 21.67 17.43 5.36
CA PRO A 227 21.41 16.46 4.29
C PRO A 227 20.76 15.18 4.81
N HIS A 228 20.87 14.94 6.11
CA HIS A 228 20.28 13.77 6.73
C HIS A 228 19.23 14.12 7.79
N GLY A 229 18.69 15.34 7.70
CA GLY A 229 17.75 15.83 8.69
C GLY A 229 16.33 15.30 8.52
N ARG A 230 15.50 15.50 9.54
CA ARG A 230 14.09 15.17 9.45
C ARG A 230 13.39 16.33 8.76
N MET A 231 12.43 16.01 7.90
CA MET A 231 11.72 17.02 7.13
C MET A 231 10.23 16.80 7.33
N PRO A 232 9.43 17.81 7.08
CA PRO A 232 7.98 17.58 6.97
C PRO A 232 7.79 16.62 5.80
N ASP A 233 6.74 15.81 5.81
CA ASP A 233 6.48 14.92 4.69
C ASP A 233 6.28 15.66 3.36
N LEU A 234 5.77 16.88 3.43
CA LEU A 234 5.42 17.62 2.22
C LEU A 234 5.64 19.11 2.43
N VAL A 235 6.32 19.73 1.47
CA VAL A 235 6.53 21.18 1.50
C VAL A 235 6.07 21.78 0.18
N LEU A 236 5.08 22.67 0.27
CA LEU A 236 4.52 23.34 -0.89
C LEU A 236 4.90 24.80 -0.90
N HIS A 237 5.27 25.33 -2.06
CA HIS A 237 5.58 26.74 -2.19
C HIS A 237 4.55 27.42 -3.06
N ASP A 238 3.77 28.31 -2.45
CA ASP A 238 2.77 29.05 -3.18
C ASP A 238 3.42 30.38 -3.44
N LYS A 239 3.86 30.59 -4.68
CA LYS A 239 4.65 31.75 -4.96
C LYS A 239 3.84 33.04 -5.17
N VAL A 240 2.53 32.92 -5.32
CA VAL A 240 1.69 34.11 -5.39
C VAL A 240 1.59 34.72 -3.98
N ARG A 241 1.29 33.90 -2.99
N ARG A 241 1.27 33.89 -3.00
CA ARG A 241 1.14 34.43 -1.64
CA ARG A 241 1.10 34.36 -1.63
C ARG A 241 2.45 34.46 -0.91
C ARG A 241 2.45 34.44 -0.91
N LYS A 242 3.48 33.86 -1.52
CA LYS A 242 4.78 33.82 -0.87
C LYS A 242 4.67 33.07 0.46
N TRP A 243 4.12 31.86 0.40
CA TRP A 243 3.99 31.04 1.59
C TRP A 243 4.61 29.67 1.30
N LEU A 244 5.20 29.09 2.35
CA LEU A 244 5.55 27.69 2.34
C LEU A 244 4.54 26.96 3.21
N PHE A 245 3.85 25.97 2.65
CA PHE A 245 3.06 25.06 3.48
C PHE A 245 3.97 23.90 3.92
N LEU A 246 4.14 23.73 5.23
CA LEU A 246 4.88 22.60 5.77
C LEU A 246 3.82 21.64 6.28
N MET A 247 3.79 20.42 5.74
CA MET A 247 2.69 19.54 6.00
C MET A 247 3.16 18.13 6.42
N GLU A 248 2.42 17.54 7.34
CA GLU A 248 2.73 16.22 7.91
C GLU A 248 1.58 15.23 7.70
N ALA A 249 1.91 14.07 7.14
CA ALA A 249 0.98 12.95 7.06
C ALA A 249 1.16 12.18 8.35
N VAL A 250 0.37 12.52 9.35
CA VAL A 250 0.73 12.19 10.72
C VAL A 250 0.77 10.69 10.96
N LYS A 251 1.94 10.22 11.35
CA LYS A 251 2.14 8.78 11.56
C LYS A 251 2.59 8.58 12.99
N SER A 252 2.97 7.35 13.35
CA SER A 252 3.25 7.03 14.75
C SER A 252 4.31 7.96 15.33
N LYS A 253 5.11 8.54 14.45
CA LYS A 253 6.16 9.47 14.87
C LYS A 253 5.57 10.80 15.40
N GLY A 254 4.30 11.03 15.12
CA GLY A 254 3.60 12.17 15.68
C GLY A 254 3.58 13.44 14.85
N PRO A 255 2.78 14.39 15.31
CA PRO A 255 2.48 15.62 14.56
C PRO A 255 3.51 16.72 14.76
N PHE A 256 3.27 17.89 14.16
CA PHE A 256 3.94 19.07 14.62
C PHE A 256 3.40 19.43 16.01
N ASP A 257 4.19 19.08 17.02
CA ASP A 257 3.93 19.48 18.40
C ASP A 257 4.78 20.70 18.67
N GLU A 258 4.81 21.15 19.90
CA GLU A 258 5.46 22.41 20.20
C GLU A 258 6.95 22.37 19.83
N GLU A 259 7.65 21.29 20.17
CA GLU A 259 9.08 21.22 19.85
C GLU A 259 9.32 21.23 18.35
N ARG A 260 8.63 20.38 17.59
CA ARG A 260 8.82 20.35 16.15
C ARG A 260 8.43 21.68 15.49
N HIS A 261 7.39 22.32 16.00
CA HIS A 261 6.97 23.61 15.49
C HIS A 261 8.09 24.62 15.66
N ARG A 262 8.68 24.67 16.85
CA ARG A 262 9.79 25.59 17.10
C ARG A 262 10.98 25.29 16.21
N THR A 263 11.31 24.02 16.10
CA THR A 263 12.43 23.55 15.30
C THR A 263 12.28 23.91 13.84
N LEU A 264 11.10 23.63 13.27
CA LEU A 264 10.79 23.92 11.89
C LEU A 264 10.66 25.42 11.59
N ARG A 265 10.19 26.19 12.56
CA ARG A 265 10.11 27.64 12.39
C ARG A 265 11.51 28.21 12.16
N GLU A 266 12.47 27.65 12.88
CA GLU A 266 13.87 28.03 12.73
C GLU A 266 14.40 27.53 11.40
N LEU A 267 14.24 26.22 11.14
CA LEU A 267 14.75 25.63 9.91
C LEU A 267 14.28 26.33 8.66
N PHE A 268 12.99 26.63 8.59
CA PHE A 268 12.42 27.20 7.38
C PHE A 268 12.27 28.73 7.45
N ALA A 269 12.94 29.37 8.41
CA ALA A 269 12.91 30.83 8.50
C ALA A 269 13.62 31.49 7.29
N THR A 270 12.87 32.32 6.56
CA THR A 270 13.39 33.11 5.44
C THR A 270 12.49 34.31 5.21
N PRO A 271 13.06 35.45 4.83
CA PRO A 271 12.27 36.64 4.52
C PRO A 271 11.52 36.53 3.22
N VAL A 272 11.80 35.50 2.44
CA VAL A 272 11.18 35.32 1.14
C VAL A 272 9.78 34.67 1.18
N ALA A 273 9.49 33.94 2.27
CA ALA A 273 8.20 33.26 2.41
C ALA A 273 7.83 33.06 3.88
N GLY A 274 6.53 33.19 4.18
CA GLY A 274 6.00 32.91 5.50
C GLY A 274 5.57 31.44 5.55
N LEU A 275 5.34 30.94 6.76
CA LEU A 275 5.08 29.52 6.96
C LEU A 275 3.63 29.27 7.37
N VAL A 276 3.05 28.23 6.81
CA VAL A 276 1.76 27.70 7.22
C VAL A 276 1.98 26.22 7.57
N PHE A 277 1.68 25.84 8.80
CA PHE A 277 1.82 24.47 9.26
C PHE A 277 0.50 23.72 9.23
N VAL A 278 0.49 22.55 8.59
CA VAL A 278 -0.74 21.74 8.52
C VAL A 278 -0.47 20.29 8.92
N ASN A 279 -1.07 19.88 10.02
CA ASN A 279 -1.11 18.45 10.38
C ASN A 279 -2.29 17.79 9.65
N CYS A 280 -2.01 16.71 8.90
CA CYS A 280 -3.01 16.00 8.11
C CYS A 280 -3.25 14.60 8.62
N PHE A 281 -4.52 14.15 8.55
CA PHE A 281 -4.99 12.87 9.06
C PHE A 281 -6.01 12.33 8.07
N GLU A 282 -6.29 11.03 8.13
CA GLU A 282 -7.24 10.46 7.19
C GLU A 282 -8.66 10.88 7.55
N ASN A 283 -8.90 11.13 8.84
CA ASN A 283 -10.22 11.51 9.33
C ASN A 283 -10.12 12.07 10.73
N ARG A 284 -11.20 12.66 11.23
CA ARG A 284 -11.18 13.19 12.58
C ARG A 284 -11.00 12.09 13.63
N GLU A 285 -11.46 10.89 13.32
CA GLU A 285 -11.29 9.79 14.26
C GLU A 285 -9.78 9.56 14.52
N ALA A 286 -8.99 9.61 13.44
CA ALA A 286 -7.55 9.42 13.53
C ALA A 286 -6.87 10.60 14.21
N MET A 287 -7.42 11.79 14.03
CA MET A 287 -6.87 12.98 14.64
C MET A 287 -6.95 12.98 16.17
N ARG A 288 -7.97 12.31 16.71
CA ARG A 288 -8.22 12.34 18.15
C ARG A 288 -6.98 12.14 19.01
N GLN A 289 -6.18 11.13 18.71
CA GLN A 289 -5.13 10.73 19.63
C GLN A 289 -4.01 11.75 19.67
N TRP A 290 -3.88 12.49 18.57
CA TRP A 290 -2.86 13.52 18.47
C TRP A 290 -3.33 14.91 18.92
N LEU A 291 -4.64 15.09 19.12
CA LEU A 291 -5.21 16.40 19.45
C LEU A 291 -4.48 17.18 20.56
N PRO A 292 -4.23 16.58 21.71
CA PRO A 292 -3.57 17.29 22.79
C PRO A 292 -2.12 17.69 22.51
N GLU A 293 -1.50 17.08 21.49
CA GLU A 293 -0.10 17.33 21.20
C GLU A 293 0.10 18.38 20.09
N LEU A 294 -0.96 18.72 19.36
CA LEU A 294 -0.81 19.65 18.23
C LEU A 294 -0.33 21.00 18.73
N ALA A 295 0.64 21.58 18.05
CA ALA A 295 1.10 22.92 18.36
C ALA A 295 -0.02 23.96 18.10
N TRP A 296 -0.08 24.98 18.95
CA TRP A 296 -0.89 26.16 18.66
C TRP A 296 -0.30 26.90 17.46
N GLU A 297 -1.16 27.65 16.79
CA GLU A 297 -0.83 28.41 15.57
C GLU A 297 -0.48 27.46 14.44
N THR A 298 -1.21 26.35 14.38
CA THR A 298 -1.15 25.40 13.29
C THR A 298 -2.55 25.04 12.84
N GLU A 299 -2.63 24.45 11.66
CA GLU A 299 -3.88 23.99 11.11
C GLU A 299 -3.91 22.46 11.08
N ALA A 300 -5.11 21.92 10.90
CA ALA A 300 -5.29 20.50 10.74
C ALA A 300 -6.30 20.25 9.63
N TRP A 301 -6.07 19.19 8.86
CA TRP A 301 -6.91 18.87 7.72
C TRP A 301 -7.11 17.36 7.72
N VAL A 302 -8.33 16.94 7.41
CA VAL A 302 -8.65 15.51 7.34
C VAL A 302 -9.19 15.17 5.97
N ALA A 303 -8.64 14.10 5.40
CA ALA A 303 -8.83 13.83 3.98
C ALA A 303 -10.27 13.41 3.67
N ASP A 304 -10.95 12.82 4.64
CA ASP A 304 -12.34 12.43 4.39
C ASP A 304 -13.36 13.57 4.56
N ASP A 305 -12.88 14.79 4.87
CA ASP A 305 -13.74 15.99 4.93
C ASP A 305 -12.93 17.16 4.40
N PRO A 306 -12.58 17.02 3.13
CA PRO A 306 -11.48 17.74 2.52
C PRO A 306 -11.73 19.23 2.32
N ASP A 307 -12.98 19.70 2.34
CA ASP A 307 -13.27 21.12 2.18
C ASP A 307 -13.16 21.89 3.46
N HIS A 308 -12.98 21.19 4.59
CA HIS A 308 -12.90 21.83 5.89
C HIS A 308 -11.46 21.95 6.43
N LEU A 309 -11.26 22.86 7.38
CA LEU A 309 -10.00 23.04 8.08
C LEU A 309 -10.29 23.22 9.54
N ILE A 310 -9.35 22.79 10.39
CA ILE A 310 -9.42 23.06 11.81
C ILE A 310 -8.22 23.91 12.17
N HIS A 311 -8.49 25.11 12.70
CA HIS A 311 -7.47 26.10 13.01
C HIS A 311 -7.26 26.16 14.49
N LEU A 312 -6.04 25.82 14.91
CA LEU A 312 -5.69 26.00 16.31
C LEU A 312 -5.00 27.37 16.49
N ASN A 313 -5.81 28.45 16.69
CA ASN A 313 -5.45 29.87 17.17
C ASN A 313 -5.22 31.46 16.83
N GLY A 314 -6.09 32.38 16.41
CA GLY A 314 -5.64 33.81 16.32
C GLY A 314 -6.58 35.04 16.25
N SER A 315 -6.03 36.25 16.23
N SER A 315 -6.03 36.26 16.22
CA SER A 315 -6.86 37.49 16.18
CA SER A 315 -6.85 37.49 16.19
C SER A 315 -7.72 37.61 14.91
C SER A 315 -7.69 37.63 14.91
N ARG A 316 -7.25 37.01 13.84
CA ARG A 316 -7.97 37.01 12.57
C ARG A 316 -9.40 36.48 12.69
N PHE A 317 -9.66 35.68 13.72
CA PHE A 317 -11.00 35.09 13.94
C PHE A 317 -11.92 35.97 14.81
N LEU A 318 -11.41 37.05 15.37
CA LEU A 318 -12.10 37.73 16.46
C LEU A 318 -12.65 39.10 16.09
N GLY A 319 -13.03 39.27 14.82
CA GLY A 319 -13.62 40.52 14.38
C GLY A 319 -15.03 40.71 14.89
N PRO A 320 -15.53 41.93 14.82
CA PRO A 320 -16.87 42.23 15.33
C PRO A 320 -17.92 41.76 14.33
N TYR A 321 -19.14 41.58 14.80
CA TYR A 321 -20.22 41.15 13.93
C TYR A 321 -20.64 42.29 13.02
N GLU A 322 -20.90 41.98 11.75
CA GLU A 322 -21.37 42.99 10.82
C GLU A 322 -22.84 42.71 10.48
N ARG A 323 -23.74 43.51 11.05
CA ARG A 323 -25.18 43.34 10.85
C ARG A 323 -25.57 43.59 9.39
N ASN B 5 -23.27 -5.42 4.97
CA ASN B 5 -22.09 -6.22 4.49
C ASN B 5 -22.28 -7.72 4.67
N ASP B 6 -21.70 -8.50 3.75
CA ASP B 6 -21.82 -9.95 3.72
C ASP B 6 -21.04 -10.60 4.87
N ILE B 7 -21.70 -11.46 5.63
CA ILE B 7 -21.00 -12.22 6.66
C ILE B 7 -20.12 -13.26 6.04
N ASP B 8 -20.60 -13.90 4.99
CA ASP B 8 -19.90 -15.04 4.40
C ASP B 8 -19.28 -14.64 3.06
N GLU B 9 -17.96 -14.58 2.99
CA GLU B 9 -17.31 -14.13 1.76
C GLU B 9 -17.15 -15.24 0.72
N THR B 10 -17.54 -16.47 1.05
CA THR B 10 -17.60 -17.52 0.03
C THR B 10 -18.82 -17.35 -0.86
N ALA B 11 -19.77 -16.54 -0.42
CA ALA B 11 -20.96 -16.30 -1.23
C ALA B 11 -20.62 -15.31 -2.34
N ALA B 12 -21.04 -15.63 -3.55
CA ALA B 12 -20.78 -14.74 -4.69
C ALA B 12 -21.73 -13.58 -4.71
N THR B 13 -21.17 -12.39 -4.62
CA THR B 13 -21.94 -11.16 -4.77
C THR B 13 -21.07 -10.16 -5.51
N ILE B 14 -21.66 -9.09 -5.98
CA ILE B 14 -20.88 -8.05 -6.64
C ILE B 14 -19.80 -7.51 -5.69
N ASP B 15 -20.16 -7.26 -4.44
CA ASP B 15 -19.20 -6.75 -3.45
C ASP B 15 -18.05 -7.71 -3.17
N THR B 16 -18.33 -8.99 -3.02
N THR B 16 -18.33 -9.00 -3.01
CA THR B 16 -17.25 -9.92 -2.79
CA THR B 16 -17.24 -9.95 -2.80
C THR B 16 -16.45 -10.18 -4.06
C THR B 16 -16.43 -10.16 -4.07
N ALA B 17 -17.09 -10.11 -5.23
CA ALA B 17 -16.36 -10.19 -6.51
C ALA B 17 -15.36 -9.02 -6.63
N ARG B 18 -15.76 -7.80 -6.26
CA ARG B 18 -14.82 -6.68 -6.26
C ARG B 18 -13.67 -6.90 -5.28
N ALA B 19 -13.96 -7.39 -4.09
CA ALA B 19 -12.91 -7.67 -3.11
C ALA B 19 -11.94 -8.76 -3.59
N LEU B 20 -12.48 -9.80 -4.19
CA LEU B 20 -11.68 -10.87 -4.77
C LEU B 20 -10.76 -10.35 -5.87
N LEU B 21 -11.28 -9.50 -6.75
CA LEU B 21 -10.45 -8.99 -7.83
C LEU B 21 -9.33 -8.09 -7.28
N LYS B 22 -9.65 -7.28 -6.29
CA LYS B 22 -8.64 -6.46 -5.66
C LYS B 22 -7.59 -7.33 -5.01
N SER B 23 -8.03 -8.42 -4.39
CA SER B 23 -7.14 -9.36 -3.74
C SER B 23 -6.12 -10.01 -4.66
N PHE B 24 -6.51 -10.23 -5.92
CA PHE B 24 -5.62 -10.81 -6.95
C PHE B 24 -4.55 -9.84 -7.44
N GLY B 25 -4.69 -8.56 -7.11
CA GLY B 25 -3.71 -7.57 -7.50
C GLY B 25 -4.12 -6.61 -8.60
N PHE B 26 -5.40 -6.59 -8.98
CA PHE B 26 -5.85 -5.74 -10.08
C PHE B 26 -5.96 -4.26 -9.73
N GLU B 27 -5.77 -3.40 -10.73
CA GLU B 27 -6.06 -1.99 -10.57
C GLU B 27 -7.56 -1.76 -10.42
N ALA B 28 -7.92 -0.56 -9.96
CA ALA B 28 -9.30 -0.18 -9.68
C ALA B 28 -10.29 -0.42 -10.83
N GLN B 29 -9.87 -0.17 -12.07
CA GLN B 29 -10.76 -0.42 -13.20
C GLN B 29 -11.04 -1.91 -13.41
N ARG B 30 -10.15 -2.78 -12.95
CA ARG B 30 -10.35 -4.23 -13.07
C ARG B 30 -10.97 -4.82 -11.81
N HIS B 31 -11.47 -3.98 -10.92
CA HIS B 31 -12.20 -4.44 -9.73
C HIS B 31 -13.35 -3.55 -9.33
N ASN B 32 -13.84 -2.82 -10.34
CA ASN B 32 -15.05 -2.05 -10.27
C ASN B 32 -16.26 -2.93 -10.57
N VAL B 33 -17.45 -2.34 -10.60
CA VAL B 33 -18.67 -3.10 -10.80
C VAL B 33 -18.70 -3.82 -12.15
N ARG B 34 -18.28 -3.13 -13.22
CA ARG B 34 -18.23 -3.75 -14.54
C ARG B 34 -17.37 -5.01 -14.56
N SER B 35 -16.20 -4.93 -13.94
CA SER B 35 -15.31 -6.06 -13.85
C SER B 35 -15.88 -7.17 -12.93
N ALA B 36 -16.54 -6.77 -11.84
CA ALA B 36 -17.20 -7.76 -10.97
C ALA B 36 -18.25 -8.58 -11.71
N VAL B 37 -19.13 -7.93 -12.48
CA VAL B 37 -20.15 -8.71 -13.20
C VAL B 37 -19.53 -9.54 -14.33
N THR B 38 -18.40 -9.10 -14.85
CA THR B 38 -17.69 -9.85 -15.88
C THR B 38 -17.17 -11.16 -15.29
N LEU B 39 -16.63 -11.08 -14.07
CA LEU B 39 -16.14 -12.24 -13.33
C LEU B 39 -17.31 -13.18 -13.02
N LEU B 40 -18.41 -12.63 -12.54
CA LEU B 40 -19.54 -13.48 -12.18
C LEU B 40 -20.08 -14.23 -13.42
N ALA B 41 -20.10 -13.56 -14.58
CA ALA B 41 -20.47 -14.17 -15.86
C ALA B 41 -19.47 -15.24 -16.31
N LEU B 42 -18.19 -14.91 -16.30
CA LEU B 42 -17.16 -15.85 -16.69
C LEU B 42 -17.06 -17.05 -15.73
N ALA B 43 -17.50 -16.90 -14.49
CA ALA B 43 -17.48 -18.00 -13.53
C ALA B 43 -18.77 -18.83 -13.56
N GLY B 44 -19.76 -18.36 -14.32
CA GLY B 44 -21.02 -19.07 -14.48
C GLY B 44 -21.87 -18.97 -13.23
N LEU B 45 -21.83 -17.83 -12.56
CA LEU B 45 -22.45 -17.70 -11.25
C LEU B 45 -23.72 -16.82 -11.25
N LYS B 46 -24.65 -17.17 -10.38
CA LYS B 46 -25.90 -16.45 -10.18
C LYS B 46 -26.09 -16.21 -8.69
N PRO B 47 -26.92 -15.26 -8.30
CA PRO B 47 -27.19 -14.99 -6.89
C PRO B 47 -27.53 -16.26 -6.13
N GLY B 48 -26.91 -16.40 -4.96
CA GLY B 48 -27.08 -17.56 -4.11
C GLY B 48 -25.98 -18.58 -4.30
N ASP B 49 -25.18 -18.44 -5.37
CA ASP B 49 -24.05 -19.33 -5.59
C ASP B 49 -22.89 -18.96 -4.69
N HIS B 50 -21.95 -19.89 -4.57
CA HIS B 50 -20.70 -19.69 -3.83
C HIS B 50 -19.55 -19.83 -4.79
N TRP B 51 -18.38 -19.31 -4.39
CA TRP B 51 -17.24 -19.27 -5.30
C TRP B 51 -16.80 -20.66 -5.71
N ALA B 52 -16.95 -21.62 -4.80
CA ALA B 52 -16.66 -23.02 -5.13
C ALA B 52 -17.49 -23.60 -6.28
N ASP B 53 -18.61 -22.97 -6.61
CA ASP B 53 -19.46 -23.41 -7.71
C ASP B 53 -18.95 -22.91 -9.06
N SER B 54 -17.85 -22.15 -9.05
CA SER B 54 -17.36 -21.48 -10.26
C SER B 54 -16.94 -22.51 -11.28
N THR B 55 -17.30 -22.27 -12.54
CA THR B 55 -16.82 -23.05 -13.65
C THR B 55 -16.13 -22.11 -14.66
N THR B 56 -15.67 -22.63 -15.80
CA THR B 56 -15.03 -21.77 -16.78
C THR B 56 -15.64 -21.87 -18.18
N PRO B 57 -16.86 -21.39 -18.35
CA PRO B 57 -17.50 -21.38 -19.67
C PRO B 57 -16.91 -20.32 -20.57
N ARG B 58 -17.21 -20.44 -21.87
CA ARG B 58 -16.70 -19.51 -22.86
C ARG B 58 -17.83 -18.57 -23.18
N LEU B 59 -17.54 -17.28 -23.09
CA LEU B 59 -18.55 -16.25 -23.35
C LEU B 59 -17.94 -15.14 -24.18
N GLY B 60 -18.70 -14.61 -25.11
CA GLY B 60 -18.30 -13.40 -25.81
C GLY B 60 -18.72 -12.20 -24.96
N VAL B 61 -18.26 -11.02 -25.33
CA VAL B 61 -18.56 -9.83 -24.55
C VAL B 61 -20.06 -9.57 -24.45
N GLN B 62 -20.78 -9.70 -25.56
CA GLN B 62 -22.23 -9.51 -25.49
C GLN B 62 -22.87 -10.51 -24.53
N LYS B 63 -22.45 -11.77 -24.56
CA LYS B 63 -23.08 -12.74 -23.64
C LYS B 63 -22.74 -12.40 -22.17
N ILE B 64 -21.56 -11.84 -21.93
CA ILE B 64 -21.17 -11.42 -20.58
C ILE B 64 -22.11 -10.33 -20.09
N MET B 65 -22.33 -9.33 -20.95
CA MET B 65 -23.26 -8.28 -20.60
C MET B 65 -24.66 -8.80 -20.38
N ASP B 66 -25.09 -9.75 -21.22
CA ASP B 66 -26.45 -10.27 -21.11
C ASP B 66 -26.62 -10.97 -19.77
N TRP B 67 -25.59 -11.70 -19.35
CA TRP B 67 -25.63 -12.48 -18.10
C TRP B 67 -25.80 -11.54 -16.91
N SER B 68 -25.06 -10.43 -16.95
CA SER B 68 -25.16 -9.40 -15.95
C SER B 68 -26.56 -8.82 -15.85
N GLY B 69 -27.13 -8.52 -17.00
CA GLY B 69 -28.45 -7.95 -17.03
C GLY B 69 -29.51 -8.97 -16.62
N ALA B 70 -29.33 -10.24 -16.96
CA ALA B 70 -30.39 -11.22 -16.70
C ALA B 70 -30.39 -11.71 -15.27
N TYR B 71 -29.20 -11.87 -14.67
CA TYR B 71 -29.12 -12.56 -13.38
C TYR B 71 -28.60 -11.70 -12.23
N TRP B 72 -27.93 -10.60 -12.55
CA TRP B 72 -27.36 -9.74 -11.51
C TRP B 72 -27.98 -8.36 -11.45
N ALA B 73 -29.14 -8.20 -12.09
CA ALA B 73 -29.86 -6.91 -12.08
C ALA B 73 -28.97 -5.72 -12.47
N LYS B 74 -28.01 -5.96 -13.36
CA LYS B 74 -27.11 -4.91 -13.83
C LYS B 74 -27.04 -4.92 -15.35
N PRO B 75 -28.04 -4.37 -16.01
CA PRO B 75 -28.02 -4.28 -17.46
C PRO B 75 -27.04 -3.20 -17.93
N TYR B 76 -26.42 -3.44 -19.07
CA TYR B 76 -25.57 -2.45 -19.72
C TYR B 76 -26.05 -2.22 -21.14
N ALA B 77 -25.88 -0.99 -21.61
CA ALA B 77 -26.23 -0.62 -22.97
C ALA B 77 -25.08 -0.92 -23.89
N THR B 78 -25.37 -0.92 -25.19
CA THR B 78 -24.38 -1.25 -26.19
C THR B 78 -23.16 -0.35 -26.14
N GLY B 79 -23.37 0.91 -25.76
CA GLY B 79 -22.27 1.86 -25.60
C GLY B 79 -21.20 1.47 -24.57
N SER B 80 -21.52 0.57 -23.66
CA SER B 80 -20.56 0.12 -22.65
C SER B 80 -19.73 -1.07 -23.15
N ARG B 81 -20.13 -1.64 -24.27
CA ARG B 81 -19.53 -2.88 -24.70
C ARG B 81 -18.02 -2.76 -24.96
N GLU B 82 -17.60 -1.62 -25.51
CA GLU B 82 -16.18 -1.41 -25.79
C GLU B 82 -15.40 -1.36 -24.48
N ASP B 83 -16.02 -0.86 -23.43
CA ASP B 83 -15.35 -0.78 -22.11
C ASP B 83 -15.11 -2.18 -21.53
N PHE B 84 -16.09 -3.06 -21.65
CA PHE B 84 -15.90 -4.45 -21.23
C PHE B 84 -14.69 -5.03 -21.94
N ARG B 85 -14.56 -4.77 -23.25
CA ARG B 85 -13.48 -5.36 -24.04
C ARG B 85 -12.11 -4.78 -23.77
N LYS B 86 -12.03 -3.44 -23.70
CA LYS B 86 -10.78 -2.72 -23.60
C LYS B 86 -10.39 -2.27 -22.19
N LYS B 87 -11.34 -2.24 -21.26
CA LYS B 87 -11.04 -1.74 -19.91
C LYS B 87 -11.21 -2.82 -18.81
N THR B 88 -11.67 -4.00 -19.17
CA THR B 88 -11.65 -5.15 -18.27
C THR B 88 -10.95 -6.35 -18.88
N LEU B 89 -11.52 -6.89 -19.94
CA LEU B 89 -11.07 -8.18 -20.45
C LEU B 89 -9.66 -8.08 -21.02
N ARG B 90 -9.33 -6.95 -21.63
CA ARG B 90 -8.02 -6.80 -22.24
C ARG B 90 -6.90 -7.00 -21.21
N GLN B 91 -7.06 -6.37 -20.06
CA GLN B 91 -6.07 -6.47 -19.00
C GLN B 91 -6.06 -7.89 -18.40
N TRP B 92 -7.22 -8.50 -18.24
CA TRP B 92 -7.25 -9.87 -17.70
C TRP B 92 -6.53 -10.85 -18.63
N VAL B 93 -6.75 -10.71 -19.93
CA VAL B 93 -6.07 -11.56 -20.91
C VAL B 93 -4.56 -11.28 -20.92
N ASP B 94 -4.17 -10.02 -20.97
CA ASP B 94 -2.75 -9.66 -20.98
C ASP B 94 -2.00 -10.06 -19.72
N ASN B 95 -2.70 -10.28 -18.60
CA ASN B 95 -2.00 -10.59 -17.36
C ASN B 95 -2.22 -12.02 -16.87
N GLY B 96 -3.00 -12.79 -17.62
CA GLY B 96 -3.14 -14.21 -17.38
C GLY B 96 -4.34 -14.66 -16.57
N PHE B 97 -5.27 -13.76 -16.30
CA PHE B 97 -6.46 -14.11 -15.50
C PHE B 97 -7.50 -14.74 -16.42
N ALA B 98 -7.55 -14.28 -17.67
CA ALA B 98 -8.49 -14.83 -18.63
C ALA B 98 -7.73 -15.16 -19.91
N VAL B 99 -8.45 -15.83 -20.82
CA VAL B 99 -7.93 -16.32 -22.09
C VAL B 99 -8.84 -15.80 -23.18
N LEU B 100 -8.24 -15.25 -24.22
CA LEU B 100 -8.97 -14.76 -25.37
C LEU B 100 -9.07 -15.83 -26.44
N ASN B 101 -10.27 -16.05 -26.98
CA ASN B 101 -10.45 -16.93 -28.13
C ASN B 101 -9.93 -18.34 -27.84
N PRO B 102 -10.43 -18.98 -26.77
CA PRO B 102 -9.93 -20.30 -26.36
C PRO B 102 -10.19 -21.39 -27.41
N ASP B 103 -11.11 -21.13 -28.34
CA ASP B 103 -11.35 -22.04 -29.45
C ASP B 103 -10.30 -21.86 -30.55
N ASN B 104 -9.49 -20.81 -30.40
CA ASN B 104 -8.46 -20.49 -31.39
C ASN B 104 -8.98 -20.40 -32.83
N LEU B 105 -10.11 -19.71 -32.99
CA LEU B 105 -10.60 -19.39 -34.33
C LEU B 105 -9.66 -18.36 -34.95
N ASN B 106 -9.59 -18.34 -36.28
CA ASN B 106 -8.74 -17.37 -36.97
C ASN B 106 -9.51 -16.08 -37.17
N ILE B 107 -9.52 -15.25 -36.12
CA ILE B 107 -10.25 -14.00 -36.15
C ILE B 107 -9.45 -12.92 -35.46
N ALA B 108 -9.76 -11.67 -35.81
CA ALA B 108 -9.14 -10.51 -35.19
C ALA B 108 -9.47 -10.49 -33.70
N THR B 109 -8.53 -9.97 -32.92
CA THR B 109 -8.71 -9.82 -31.48
C THR B 109 -9.94 -9.00 -31.12
N ASN B 110 -10.35 -8.11 -32.01
CA ASN B 110 -11.52 -7.28 -31.78
C ASN B 110 -12.77 -7.82 -32.47
N SER B 111 -12.69 -9.00 -33.05
CA SER B 111 -13.88 -9.61 -33.66
C SER B 111 -14.96 -9.89 -32.61
N GLN B 112 -16.22 -9.69 -33.00
CA GLN B 112 -17.34 -9.99 -32.13
C GLN B 112 -17.58 -11.49 -31.98
N LEU B 113 -16.81 -12.29 -32.71
CA LEU B 113 -16.92 -13.74 -32.61
C LEU B 113 -15.96 -14.27 -31.57
N ASN B 114 -15.19 -13.37 -30.97
CA ASN B 114 -14.27 -13.77 -29.91
C ASN B 114 -15.04 -14.15 -28.65
N GLU B 115 -14.60 -15.21 -27.99
CA GLU B 115 -15.14 -15.60 -26.70
C GLU B 115 -14.00 -15.55 -25.69
N TYR B 116 -14.34 -15.56 -24.41
CA TYR B 116 -13.35 -15.49 -23.34
C TYR B 116 -13.67 -16.55 -22.30
N CYS B 117 -12.66 -16.91 -21.52
CA CYS B 117 -12.89 -17.76 -20.36
C CYS B 117 -11.79 -17.47 -19.35
N LEU B 118 -12.03 -17.83 -18.08
CA LEU B 118 -11.03 -17.71 -17.04
C LEU B 118 -9.97 -18.76 -17.30
N SER B 119 -8.73 -18.47 -16.94
CA SER B 119 -7.69 -19.48 -17.01
C SER B 119 -7.91 -20.54 -15.93
N ASP B 120 -7.36 -21.72 -16.13
CA ASP B 120 -7.50 -22.81 -15.16
C ASP B 120 -6.93 -22.42 -13.82
N GLU B 121 -5.79 -21.74 -13.83
CA GLU B 121 -5.09 -21.37 -12.60
C GLU B 121 -5.88 -20.29 -11.82
N ALA B 122 -6.49 -19.39 -12.56
CA ALA B 122 -7.34 -18.40 -11.92
C ALA B 122 -8.54 -19.09 -11.28
N ALA B 123 -9.16 -20.01 -12.00
CA ALA B 123 -10.37 -20.66 -11.51
C ALA B 123 -10.10 -21.43 -10.23
N GLN B 124 -8.92 -22.05 -10.15
CA GLN B 124 -8.51 -22.81 -8.97
C GLN B 124 -8.46 -21.92 -7.73
N ALA B 125 -7.88 -20.74 -7.89
CA ALA B 125 -7.79 -19.78 -6.80
C ALA B 125 -9.16 -19.22 -6.47
N ILE B 126 -9.90 -18.83 -7.51
CA ILE B 126 -11.24 -18.34 -7.32
C ILE B 126 -12.10 -19.29 -6.48
N ARG B 127 -12.07 -20.58 -6.80
CA ARG B 127 -12.93 -21.55 -6.10
C ARG B 127 -12.61 -21.59 -4.61
N SER B 128 -11.38 -21.19 -4.25
CA SER B 128 -10.95 -21.19 -2.86
C SER B 128 -11.20 -19.90 -2.10
N TYR B 129 -11.71 -18.87 -2.76
CA TYR B 129 -11.91 -17.60 -2.08
C TYR B 129 -12.78 -17.79 -0.84
N GLY B 130 -12.32 -17.21 0.27
CA GLY B 130 -13.05 -17.24 1.52
C GLY B 130 -12.66 -18.40 2.43
N THR B 131 -11.71 -19.22 2.01
CA THR B 131 -11.25 -20.35 2.80
C THR B 131 -9.79 -20.18 3.20
N ASP B 132 -9.30 -21.10 4.04
CA ASP B 132 -7.91 -21.10 4.47
C ASP B 132 -6.96 -21.54 3.37
N ALA B 133 -7.50 -22.03 2.26
CA ALA B 133 -6.67 -22.43 1.13
C ALA B 133 -6.47 -21.31 0.09
N PHE B 134 -7.16 -20.18 0.25
CA PHE B 134 -7.09 -19.13 -0.79
C PHE B 134 -5.69 -18.56 -1.03
N GLU B 135 -5.02 -18.13 0.03
CA GLU B 135 -3.71 -17.49 -0.12
C GLU B 135 -2.70 -18.37 -0.84
N SER B 136 -2.70 -19.68 -0.56
CA SER B 136 -1.75 -20.57 -1.22
C SER B 136 -2.16 -20.90 -2.65
N ALA B 137 -3.45 -20.97 -2.90
CA ALA B 137 -3.93 -21.09 -4.26
C ALA B 137 -3.58 -19.82 -5.06
N LEU B 138 -3.62 -18.66 -4.41
CA LEU B 138 -3.28 -17.42 -5.10
C LEU B 138 -1.81 -17.45 -5.49
N VAL B 139 -0.96 -17.90 -4.57
CA VAL B 139 0.47 -17.99 -4.85
C VAL B 139 0.69 -18.72 -6.16
N ASP B 140 0.00 -19.85 -6.31
CA ASP B 140 0.10 -20.67 -7.51
C ASP B 140 -0.34 -19.95 -8.77
N PHE B 141 -1.46 -19.25 -8.72
CA PHE B 141 -1.88 -18.45 -9.85
C PHE B 141 -0.85 -17.37 -10.21
N LEU B 142 -0.37 -16.67 -9.20
CA LEU B 142 0.50 -15.51 -9.42
C LEU B 142 1.84 -15.95 -10.02
N SER B 143 2.24 -17.18 -9.75
CA SER B 143 3.51 -17.67 -10.28
C SER B 143 3.45 -17.83 -11.78
N LYS B 144 2.24 -17.98 -12.32
CA LYS B 144 2.08 -18.11 -13.75
C LYS B 144 1.50 -16.86 -14.41
N ALA B 145 1.12 -15.87 -13.61
CA ALA B 145 0.54 -14.65 -14.15
C ALA B 145 1.69 -13.66 -14.44
N SER B 146 1.34 -12.47 -14.89
CA SER B 146 2.33 -11.47 -15.25
C SER B 146 3.11 -10.95 -14.03
N ASP B 147 4.30 -10.42 -14.28
CA ASP B 147 5.09 -9.85 -13.20
C ASP B 147 4.37 -8.66 -12.55
N THR B 148 3.55 -7.98 -13.33
CA THR B 148 2.81 -6.81 -12.83
C THR B 148 1.73 -7.19 -11.81
N VAL B 149 0.92 -8.19 -12.12
N VAL B 149 0.93 -8.19 -12.13
CA VAL B 149 -0.11 -8.57 -11.15
CA VAL B 149 -0.12 -8.60 -11.21
C VAL B 149 0.54 -9.19 -9.93
C VAL B 149 0.51 -9.22 -9.96
N ARG B 150 1.59 -9.97 -10.13
CA ARG B 150 2.29 -10.54 -9.00
C ARG B 150 2.92 -9.45 -8.12
N ALA B 151 3.57 -8.47 -8.72
CA ALA B 151 4.12 -7.37 -7.95
C ALA B 151 3.01 -6.64 -7.18
N ARG B 152 1.87 -6.40 -7.83
CA ARG B 152 0.79 -5.67 -7.18
C ARG B 152 0.18 -6.49 -6.04
N ALA B 153 -0.07 -7.77 -6.29
CA ALA B 153 -0.66 -8.62 -5.25
C ALA B 153 0.28 -8.69 -4.04
N GLU B 154 1.57 -8.73 -4.32
CA GLU B 154 2.56 -8.80 -3.26
C GLU B 154 2.72 -7.50 -2.50
N ALA B 155 2.67 -6.36 -3.20
CA ALA B 155 2.72 -5.06 -2.52
C ALA B 155 1.49 -4.83 -1.62
N LEU B 156 0.31 -5.20 -2.11
CA LEU B 156 -0.93 -5.06 -1.34
C LEU B 156 -0.74 -5.75 -0.01
N ARG B 157 -0.21 -6.96 -0.07
CA ARG B 157 -0.05 -7.81 1.08
C ARG B 157 1.03 -7.30 2.05
N ALA B 158 2.10 -6.73 1.51
CA ALA B 158 3.13 -6.14 2.39
C ALA B 158 2.63 -4.90 3.14
N ALA B 159 1.57 -4.25 2.65
CA ALA B 159 1.03 -3.06 3.30
C ALA B 159 -0.05 -3.40 4.35
N MET B 160 -0.43 -4.67 4.41
CA MET B 160 -1.43 -5.13 5.38
C MET B 160 -0.73 -5.81 6.54
N ILE B 161 -1.46 -6.10 7.62
CA ILE B 161 -0.91 -6.90 8.70
C ILE B 161 -1.47 -8.31 8.68
N SER B 162 -0.72 -9.26 9.22
CA SER B 162 -1.15 -10.64 9.19
C SER B 162 -1.49 -11.16 10.59
N VAL B 163 -2.69 -11.71 10.70
CA VAL B 163 -3.13 -12.35 11.94
C VAL B 163 -3.08 -13.86 11.76
N ASP B 164 -2.47 -14.54 12.71
CA ASP B 164 -2.43 -15.99 12.70
C ASP B 164 -3.63 -16.56 13.44
N LEU B 165 -4.60 -17.13 12.70
CA LEU B 165 -5.81 -17.70 13.28
C LEU B 165 -5.53 -19.04 13.90
N ALA B 166 -4.56 -19.73 13.31
CA ALA B 166 -4.20 -21.09 13.72
C ALA B 166 -2.94 -21.51 12.96
N ASP B 167 -2.20 -22.48 13.50
CA ASP B 167 -0.98 -22.96 12.86
C ASP B 167 -1.16 -23.11 11.34
N GLY B 168 -0.56 -22.20 10.58
CA GLY B 168 -0.59 -22.26 9.13
C GLY B 168 -1.58 -21.31 8.45
N ASP B 169 -2.54 -20.83 9.24
CA ASP B 169 -3.67 -20.09 8.69
C ASP B 169 -3.60 -18.61 8.99
N GLU B 170 -3.01 -17.85 8.08
CA GLU B 170 -2.91 -16.42 8.25
C GLU B 170 -4.12 -15.71 7.67
N PHE B 171 -4.53 -14.67 8.37
CA PHE B 171 -5.64 -13.83 7.95
C PHE B 171 -5.09 -12.42 7.81
N LEU B 172 -5.35 -11.82 6.65
CA LEU B 172 -4.80 -10.50 6.31
C LEU B 172 -5.76 -9.37 6.59
N LEU B 173 -5.30 -8.35 7.33
CA LEU B 173 -6.13 -7.19 7.61
C LEU B 173 -5.52 -5.90 7.09
N SER B 174 -6.34 -4.90 6.81
CA SER B 174 -5.84 -3.56 6.53
C SER B 174 -5.34 -2.90 7.82
N PRO B 175 -4.22 -2.19 7.76
CA PRO B 175 -3.58 -1.66 8.97
C PRO B 175 -4.35 -0.54 9.64
N ALA B 176 -5.41 -0.08 8.99
CA ALA B 176 -6.26 0.94 9.54
C ALA B 176 -7.16 0.46 10.69
N GLY B 177 -7.89 1.43 11.24
CA GLY B 177 -8.91 1.21 12.24
C GLY B 177 -8.38 0.44 13.43
N GLN B 178 -9.23 -0.43 13.97
CA GLN B 178 -8.86 -1.19 15.16
C GLN B 178 -8.36 -2.55 14.76
N ASN B 179 -7.85 -2.66 13.53
CA ASN B 179 -7.30 -3.93 13.10
C ASN B 179 -6.06 -4.38 13.86
N PRO B 180 -5.17 -3.47 14.27
CA PRO B 180 -4.04 -3.90 15.12
C PRO B 180 -4.51 -4.48 16.49
N LEU B 181 -5.58 -3.92 17.05
CA LEU B 181 -6.24 -4.45 18.24
C LEU B 181 -6.83 -5.84 17.93
N LEU B 182 -7.58 -5.93 16.84
CA LEU B 182 -8.10 -7.23 16.43
C LEU B 182 -7.02 -8.29 16.35
N LYS B 183 -5.87 -7.96 15.76
CA LYS B 183 -4.78 -8.90 15.70
C LYS B 183 -4.31 -9.31 17.11
N LYS B 184 -4.29 -8.38 18.05
CA LYS B 184 -3.84 -8.71 19.41
C LYS B 184 -4.90 -9.57 20.13
N MET B 185 -6.16 -9.33 19.81
CA MET B 185 -7.25 -10.15 20.33
C MET B 185 -7.04 -11.62 19.99
N VAL B 186 -6.61 -11.90 18.76
CA VAL B 186 -6.39 -13.28 18.33
C VAL B 186 -5.08 -13.85 18.88
N GLU B 187 -4.02 -13.05 18.86
CA GLU B 187 -2.69 -13.59 19.18
C GLU B 187 -2.25 -13.39 20.64
N GLU B 188 -2.90 -12.49 21.38
CA GLU B 188 -2.55 -12.27 22.80
C GLU B 188 -3.68 -12.68 23.77
N PHE B 189 -4.93 -12.38 23.44
CA PHE B 189 -6.03 -12.74 24.32
C PHE B 189 -6.27 -14.23 24.28
N MET B 190 -6.34 -14.80 23.09
CA MET B 190 -6.76 -16.18 22.91
C MET B 190 -5.84 -17.18 23.62
N PRO B 191 -4.54 -17.03 23.47
CA PRO B 191 -3.60 -17.94 24.14
C PRO B 191 -3.63 -17.86 25.67
N ARG B 192 -3.99 -16.70 26.24
CA ARG B 192 -4.10 -16.53 27.68
C ARG B 192 -5.44 -17.04 28.24
N PHE B 193 -6.54 -16.67 27.60
CA PHE B 193 -7.88 -16.91 28.12
C PHE B 193 -8.72 -17.99 27.40
N ALA B 194 -8.27 -18.40 26.23
CA ALA B 194 -8.97 -19.45 25.48
C ALA B 194 -8.00 -20.26 24.61
N PRO B 195 -6.95 -20.79 25.20
CA PRO B 195 -5.94 -21.51 24.42
C PRO B 195 -6.54 -22.68 23.63
N GLY B 196 -6.19 -22.80 22.37
CA GLY B 196 -6.69 -23.87 21.54
C GLY B 196 -8.09 -23.63 20.97
N ALA B 197 -8.65 -22.44 21.19
CA ALA B 197 -10.01 -22.16 20.68
C ALA B 197 -9.96 -22.05 19.17
N LYS B 198 -11.11 -22.22 18.54
CA LYS B 198 -11.23 -22.00 17.10
C LYS B 198 -11.85 -20.64 16.79
N VAL B 199 -11.26 -19.91 15.84
CA VAL B 199 -11.87 -18.70 15.38
C VAL B 199 -13.01 -19.11 14.45
N LEU B 200 -14.24 -18.82 14.85
CA LEU B 200 -15.40 -19.18 14.04
C LEU B 200 -15.84 -17.99 13.17
N TYR B 201 -15.49 -16.80 13.58
CA TYR B 201 -15.73 -15.60 12.78
C TYR B 201 -14.73 -14.50 13.11
N ILE B 202 -14.18 -13.90 12.07
CA ILE B 202 -13.38 -12.70 12.21
C ILE B 202 -13.64 -11.82 11.00
N GLY B 203 -13.80 -10.52 11.26
CA GLY B 203 -14.05 -9.57 10.20
C GLY B 203 -13.16 -8.34 10.27
N ASP B 204 -12.59 -8.01 9.12
CA ASP B 204 -11.80 -6.79 9.01
C ASP B 204 -12.64 -5.65 9.47
N THR B 205 -12.11 -4.78 10.33
CA THR B 205 -12.91 -3.68 10.85
C THR B 205 -13.01 -2.51 9.89
N ARG B 206 -12.33 -2.58 8.76
CA ARG B 206 -12.40 -1.47 7.80
C ARG B 206 -12.75 -1.90 6.38
N GLY B 207 -12.31 -3.07 5.97
CA GLY B 207 -12.55 -3.56 4.61
C GLY B 207 -13.53 -4.72 4.55
N LYS B 208 -13.68 -5.32 3.38
CA LYS B 208 -14.60 -6.43 3.21
C LYS B 208 -13.78 -7.69 3.16
N HIS B 209 -13.51 -8.24 4.34
CA HIS B 209 -12.83 -9.50 4.39
C HIS B 209 -13.23 -10.21 5.67
N THR B 210 -13.77 -11.43 5.55
CA THR B 210 -14.15 -12.22 6.72
C THR B 210 -13.75 -13.65 6.54
N ARG B 211 -13.58 -14.33 7.67
CA ARG B 211 -13.59 -15.78 7.76
C ARG B 211 -14.84 -16.14 8.57
N PHE B 212 -15.62 -17.10 8.09
CA PHE B 212 -16.89 -17.48 8.72
C PHE B 212 -17.09 -18.99 8.63
N GLU B 213 -17.05 -19.65 9.78
CA GLU B 213 -17.16 -21.09 9.84
C GLU B 213 -18.64 -21.50 9.89
N LYS B 214 -19.31 -21.25 8.78
CA LYS B 214 -20.74 -21.52 8.64
C LYS B 214 -21.12 -22.91 9.09
N ARG B 215 -20.41 -23.90 8.62
CA ARG B 215 -20.77 -25.28 8.88
C ARG B 215 -20.62 -25.62 10.36
N ILE B 216 -19.55 -25.15 10.98
CA ILE B 216 -19.33 -25.41 12.39
C ILE B 216 -20.41 -24.74 13.23
N PHE B 217 -20.69 -23.48 12.95
CA PHE B 217 -21.77 -22.80 13.63
C PHE B 217 -23.07 -23.64 13.56
N GLU B 218 -23.40 -24.11 12.36
CA GLU B 218 -24.63 -24.83 12.14
C GLU B 218 -24.60 -26.24 12.75
N GLU B 219 -23.60 -27.05 12.42
CA GLU B 219 -23.56 -28.42 12.88
C GLU B 219 -23.10 -28.64 14.31
N THR B 220 -22.16 -27.83 14.80
CA THR B 220 -21.68 -27.97 16.16
C THR B 220 -22.52 -27.18 17.16
N LEU B 221 -22.91 -25.96 16.80
CA LEU B 221 -23.53 -25.08 17.76
C LEU B 221 -25.01 -24.86 17.55
N GLY B 222 -25.57 -25.31 16.44
CA GLY B 222 -26.99 -25.09 16.15
C GLY B 222 -27.35 -23.65 15.83
N LEU B 223 -26.45 -22.92 15.17
CA LEU B 223 -26.61 -21.48 14.96
C LEU B 223 -26.51 -21.15 13.46
N THR B 224 -27.40 -20.30 12.98
CA THR B 224 -27.31 -19.82 11.61
C THR B 224 -27.70 -18.34 11.62
N PHE B 225 -27.28 -17.60 10.62
CA PHE B 225 -27.34 -16.14 10.69
C PHE B 225 -27.90 -15.54 9.41
N ASP B 226 -28.46 -14.34 9.51
CA ASP B 226 -28.84 -13.61 8.31
C ASP B 226 -27.57 -13.30 7.50
N PRO B 227 -27.69 -13.28 6.17
CA PRO B 227 -26.56 -13.05 5.27
C PRO B 227 -25.84 -11.73 5.47
N HIS B 228 -26.54 -10.71 5.95
CA HIS B 228 -25.92 -9.43 6.25
C HIS B 228 -26.10 -9.01 7.71
N GLY B 229 -26.16 -9.99 8.60
CA GLY B 229 -26.29 -9.68 10.01
C GLY B 229 -25.05 -9.01 10.59
N ARG B 230 -25.25 -8.20 11.62
CA ARG B 230 -24.13 -7.62 12.34
C ARG B 230 -23.52 -8.70 13.22
N MET B 231 -22.21 -8.68 13.33
CA MET B 231 -21.51 -9.70 14.04
C MET B 231 -20.52 -8.99 14.93
N PRO B 232 -20.12 -9.63 16.01
CA PRO B 232 -18.96 -9.18 16.77
C PRO B 232 -17.77 -9.20 15.84
N ASP B 233 -16.75 -8.40 16.11
CA ASP B 233 -15.53 -8.47 15.32
C ASP B 233 -14.91 -9.84 15.33
N LEU B 234 -15.06 -10.58 16.43
CA LEU B 234 -14.34 -11.82 16.58
C LEU B 234 -15.17 -12.78 17.44
N VAL B 235 -15.34 -14.01 16.97
CA VAL B 235 -16.05 -15.03 17.72
C VAL B 235 -15.11 -16.21 17.83
N LEU B 236 -14.87 -16.67 19.06
CA LEU B 236 -14.00 -17.79 19.34
C LEU B 236 -14.80 -18.87 20.03
N HIS B 237 -14.63 -20.12 19.59
CA HIS B 237 -15.23 -21.24 20.29
C HIS B 237 -14.15 -22.10 20.95
N ASP B 238 -14.12 -22.07 22.27
CA ASP B 238 -13.27 -22.95 23.07
C ASP B 238 -14.12 -24.17 23.37
N LYS B 239 -13.96 -25.22 22.58
CA LYS B 239 -14.84 -26.38 22.71
C LYS B 239 -14.46 -27.28 23.89
N VAL B 240 -13.24 -27.11 24.40
CA VAL B 240 -12.80 -27.86 25.59
C VAL B 240 -13.41 -27.27 26.87
N ARG B 241 -13.32 -25.96 27.06
CA ARG B 241 -13.90 -25.32 28.25
C ARG B 241 -15.36 -24.90 28.04
N LYS B 242 -15.80 -25.00 26.79
CA LYS B 242 -17.21 -24.83 26.39
C LYS B 242 -17.72 -23.41 26.48
N TRP B 243 -16.90 -22.48 26.00
CA TRP B 243 -17.26 -21.05 26.02
C TRP B 243 -17.23 -20.55 24.58
N LEU B 244 -18.21 -19.72 24.26
CA LEU B 244 -18.23 -19.00 23.01
C LEU B 244 -17.95 -17.54 23.37
N PHE B 245 -16.82 -17.03 22.89
CA PHE B 245 -16.38 -15.66 23.16
C PHE B 245 -16.84 -14.75 22.02
N LEU B 246 -17.64 -13.77 22.38
CA LEU B 246 -18.09 -12.73 21.46
C LEU B 246 -17.31 -11.49 21.80
N MET B 247 -16.43 -11.07 20.88
CA MET B 247 -15.47 -10.03 21.17
C MET B 247 -15.54 -8.84 20.20
N GLU B 248 -15.38 -7.65 20.75
CA GLU B 248 -15.48 -6.43 19.96
C GLU B 248 -14.20 -5.59 20.12
N ALA B 249 -13.62 -5.19 18.99
CA ALA B 249 -12.53 -4.20 18.99
C ALA B 249 -13.25 -2.88 18.93
N VAL B 250 -13.53 -2.31 20.09
CA VAL B 250 -14.50 -1.26 20.17
C VAL B 250 -14.08 -0.07 19.32
N LYS B 251 -15.01 0.40 18.52
CA LYS B 251 -14.71 1.49 17.59
C LYS B 251 -15.84 2.48 17.72
N SER B 252 -15.99 3.38 16.76
CA SER B 252 -16.99 4.42 16.86
C SER B 252 -18.40 3.86 17.01
N LYS B 253 -18.68 2.71 16.43
CA LYS B 253 -20.03 2.13 16.62
C LYS B 253 -20.33 1.83 18.09
N GLY B 254 -19.30 1.77 18.94
CA GLY B 254 -19.52 1.55 20.36
C GLY B 254 -19.39 0.08 20.78
N PRO B 255 -19.49 -0.16 22.09
CA PRO B 255 -19.25 -1.48 22.66
C PRO B 255 -20.51 -2.31 22.78
N PHE B 256 -20.36 -3.50 23.36
CA PHE B 256 -21.52 -4.23 23.85
C PHE B 256 -22.13 -3.43 24.99
N ASP B 257 -23.14 -2.64 24.66
CA ASP B 257 -23.93 -1.97 25.67
C ASP B 257 -25.14 -2.85 25.96
N GLU B 258 -26.05 -2.40 26.82
CA GLU B 258 -27.11 -3.28 27.29
C GLU B 258 -27.99 -3.80 26.14
N GLU B 259 -28.37 -2.93 25.21
CA GLU B 259 -29.21 -3.37 24.10
C GLU B 259 -28.52 -4.40 23.21
N ARG B 260 -27.26 -4.16 22.85
CA ARG B 260 -26.51 -5.10 22.01
C ARG B 260 -26.26 -6.43 22.72
N HIS B 261 -26.05 -6.36 24.03
CA HIS B 261 -25.81 -7.52 24.86
C HIS B 261 -27.06 -8.39 24.85
N ARG B 262 -28.23 -7.78 24.99
CA ARG B 262 -29.52 -8.47 24.90
C ARG B 262 -29.72 -9.18 23.55
N THR B 263 -29.50 -8.44 22.47
CA THR B 263 -29.65 -8.96 21.12
C THR B 263 -28.71 -10.12 20.83
N LEU B 264 -27.45 -9.96 21.22
CA LEU B 264 -26.44 -10.97 20.97
C LEU B 264 -26.67 -12.25 21.75
N ARG B 265 -27.22 -12.14 22.95
CA ARG B 265 -27.55 -13.32 23.74
C ARG B 265 -28.57 -14.19 23.01
N GLU B 266 -29.51 -13.56 22.31
CA GLU B 266 -30.46 -14.31 21.48
C GLU B 266 -29.82 -14.85 20.23
N LEU B 267 -29.08 -14.00 19.54
CA LEU B 267 -28.40 -14.38 18.31
C LEU B 267 -27.48 -15.59 18.49
N PHE B 268 -26.80 -15.69 19.64
CA PHE B 268 -25.80 -16.75 19.83
C PHE B 268 -26.20 -17.79 20.89
N ALA B 269 -27.49 -17.85 21.20
CA ALA B 269 -27.98 -18.77 22.22
C ALA B 269 -27.87 -20.22 21.80
N THR B 270 -27.18 -21.01 22.61
CA THR B 270 -27.05 -22.44 22.34
C THR B 270 -26.70 -23.17 23.64
N PRO B 271 -27.24 -24.37 23.85
CA PRO B 271 -26.92 -25.13 25.07
C PRO B 271 -25.50 -25.71 25.05
N VAL B 272 -24.87 -25.73 23.88
CA VAL B 272 -23.56 -26.35 23.72
C VAL B 272 -22.43 -25.57 24.40
N ALA B 273 -22.61 -24.26 24.57
CA ALA B 273 -21.56 -23.40 25.08
C ALA B 273 -22.17 -22.18 25.74
N GLY B 274 -21.54 -21.72 26.81
CA GLY B 274 -21.88 -20.43 27.40
C GLY B 274 -21.28 -19.27 26.61
N LEU B 275 -21.86 -18.10 26.81
CA LEU B 275 -21.42 -16.90 26.12
C LEU B 275 -20.55 -16.03 27.03
N VAL B 276 -19.43 -15.58 26.49
CA VAL B 276 -18.58 -14.61 27.17
C VAL B 276 -18.48 -13.37 26.28
N PHE B 277 -18.83 -12.22 26.81
CA PHE B 277 -18.81 -10.96 26.07
C PHE B 277 -17.57 -10.18 26.48
N VAL B 278 -16.69 -9.89 25.53
CA VAL B 278 -15.46 -9.15 25.82
C VAL B 278 -15.38 -7.90 24.92
N ASN B 279 -15.50 -6.74 25.54
CA ASN B 279 -15.19 -5.47 24.90
C ASN B 279 -13.69 -5.26 25.01
N CYS B 280 -13.03 -5.03 23.87
CA CYS B 280 -11.59 -4.91 23.84
C CYS B 280 -11.11 -3.51 23.43
N PHE B 281 -9.98 -3.10 23.98
CA PHE B 281 -9.45 -1.74 23.84
C PHE B 281 -7.95 -1.86 23.84
N GLU B 282 -7.31 -0.91 23.19
CA GLU B 282 -5.84 -0.89 23.13
C GLU B 282 -5.24 -0.65 24.51
N ASN B 283 -5.92 0.15 25.32
CA ASN B 283 -5.43 0.41 26.66
C ASN B 283 -6.58 1.00 27.42
N ARG B 284 -6.39 1.23 28.72
CA ARG B 284 -7.48 1.74 29.53
C ARG B 284 -7.82 3.17 29.20
N GLU B 285 -6.85 3.90 28.67
CA GLU B 285 -7.12 5.26 28.22
C GLU B 285 -8.25 5.26 27.16
N ALA B 286 -8.14 4.37 26.19
CA ALA B 286 -9.15 4.20 25.15
C ALA B 286 -10.48 3.70 25.73
N MET B 287 -10.40 2.92 26.81
CA MET B 287 -11.62 2.39 27.42
C MET B 287 -12.44 3.43 28.13
N ARG B 288 -11.79 4.50 28.61
CA ARG B 288 -12.44 5.52 29.43
C ARG B 288 -13.78 6.04 28.91
N GLN B 289 -13.82 6.46 27.65
CA GLN B 289 -15.05 7.08 27.13
C GLN B 289 -16.24 6.12 27.06
N TRP B 290 -15.95 4.83 27.00
CA TRP B 290 -17.00 3.81 26.82
C TRP B 290 -17.45 3.19 28.16
N LEU B 291 -16.75 3.52 29.23
CA LEU B 291 -16.97 2.88 30.52
C LEU B 291 -18.40 2.94 30.98
N PRO B 292 -19.05 4.11 30.92
CA PRO B 292 -20.43 4.22 31.36
C PRO B 292 -21.43 3.46 30.52
N GLU B 293 -21.05 3.08 29.29
CA GLU B 293 -21.94 2.41 28.35
C GLU B 293 -21.84 0.88 28.37
N LEU B 294 -20.76 0.35 28.93
CA LEU B 294 -20.55 -1.11 28.93
C LEU B 294 -21.68 -1.83 29.67
N ALA B 295 -22.20 -2.89 29.05
CA ALA B 295 -23.22 -3.69 29.69
C ALA B 295 -22.69 -4.37 30.95
N TRP B 296 -23.54 -4.50 31.96
CA TRP B 296 -23.20 -5.35 33.10
C TRP B 296 -23.17 -6.81 32.62
N GLU B 297 -22.44 -7.63 33.37
CA GLU B 297 -22.23 -9.04 33.06
C GLU B 297 -21.45 -9.23 31.76
N THR B 298 -20.45 -8.38 31.54
CA THR B 298 -19.52 -8.50 30.43
C THR B 298 -18.12 -8.26 30.96
N GLU B 299 -17.13 -8.60 30.17
N GLU B 299 -17.13 -8.60 30.15
CA GLU B 299 -15.74 -8.42 30.51
CA GLU B 299 -15.73 -8.43 30.49
C GLU B 299 -15.11 -7.36 29.60
C GLU B 299 -15.12 -7.34 29.60
N ALA B 300 -13.96 -6.82 30.00
CA ALA B 300 -13.22 -5.87 29.18
C ALA B 300 -11.74 -6.18 29.30
N TRP B 301 -11.07 -6.17 28.16
CA TRP B 301 -9.69 -6.57 28.06
C TRP B 301 -8.92 -5.44 27.37
N VAL B 302 -7.74 -5.14 27.89
CA VAL B 302 -6.90 -4.07 27.34
C VAL B 302 -5.57 -4.64 26.91
N ALA B 303 -5.24 -4.40 25.65
CA ALA B 303 -4.10 -5.06 25.01
C ALA B 303 -2.76 -4.66 25.64
N ASP B 304 -2.67 -3.48 26.26
CA ASP B 304 -1.42 -3.04 26.89
C ASP B 304 -1.16 -3.73 28.24
N ASP B 305 -2.18 -4.40 28.78
CA ASP B 305 -2.04 -5.18 30.00
C ASP B 305 -2.75 -6.52 29.77
N PRO B 306 -2.21 -7.34 28.86
CA PRO B 306 -2.92 -8.50 28.31
C PRO B 306 -3.21 -9.63 29.30
N ASP B 307 -2.48 -9.71 30.42
CA ASP B 307 -2.68 -10.77 31.42
C ASP B 307 -3.83 -10.52 32.37
N HIS B 308 -4.46 -9.37 32.24
CA HIS B 308 -5.51 -8.98 33.16
C HIS B 308 -6.84 -8.94 32.45
N LEU B 309 -7.90 -8.88 33.24
N LEU B 309 -7.92 -8.99 33.24
CA LEU B 309 -9.24 -8.79 32.70
CA LEU B 309 -9.28 -8.82 32.73
C LEU B 309 -10.10 -8.02 33.66
C LEU B 309 -10.06 -7.97 33.68
N ILE B 310 -10.96 -7.16 33.14
CA ILE B 310 -11.86 -6.39 33.95
C ILE B 310 -13.26 -6.99 33.87
N HIS B 311 -13.90 -7.23 35.02
CA HIS B 311 -15.20 -7.89 35.00
C HIS B 311 -16.27 -6.98 35.54
N LEU B 312 -17.27 -6.68 34.72
CA LEU B 312 -18.39 -5.89 35.19
C LEU B 312 -19.45 -6.86 35.79
N ASN B 313 -19.30 -7.26 37.10
CA ASN B 313 -20.32 -7.86 38.06
C ASN B 313 -20.62 -9.01 39.20
N GLY B 314 -20.04 -9.10 40.41
CA GLY B 314 -20.62 -9.98 41.45
C GLY B 314 -20.08 -10.17 42.89
N SER B 315 -20.99 -10.19 43.87
CA SER B 315 -20.61 -10.34 45.28
C SER B 315 -19.80 -11.63 45.53
N ARG B 316 -20.14 -12.70 44.82
CA ARG B 316 -19.44 -13.98 44.95
C ARG B 316 -17.98 -13.92 44.48
N PHE B 317 -17.63 -12.86 43.74
CA PHE B 317 -16.28 -12.72 43.24
C PHE B 317 -15.42 -11.87 44.16
N LEU B 318 -16.00 -11.29 45.20
CA LEU B 318 -15.21 -10.59 46.20
C LEU B 318 -14.35 -11.57 46.97
N GLY B 319 -13.14 -11.15 47.32
CA GLY B 319 -12.29 -11.89 48.24
C GLY B 319 -10.83 -11.53 48.04
N PRO B 320 -10.03 -11.70 49.09
CA PRO B 320 -8.62 -11.29 49.03
C PRO B 320 -7.82 -11.98 47.92
N TYR B 321 -7.00 -11.20 47.25
CA TYR B 321 -6.07 -11.71 46.26
C TYR B 321 -4.77 -12.24 46.89
N GLU B 322 -4.56 -11.95 48.16
CA GLU B 322 -3.45 -12.53 48.92
C GLU B 322 -4.01 -13.33 50.09
N ARG B 323 -3.57 -14.58 50.23
CA ARG B 323 -4.01 -15.43 51.33
C ARG B 323 -2.95 -16.45 51.75
#